data_8RQL
#
_entry.id   8RQL
#
_cell.length_a   1.00
_cell.length_b   1.00
_cell.length_c   1.00
_cell.angle_alpha   90.00
_cell.angle_beta   90.00
_cell.angle_gamma   90.00
#
_symmetry.space_group_name_H-M   'P 1'
#
loop_
_entity.id
_entity.type
_entity.pdbx_description
1 polymer 'Taste receptor type 2 member 14'
2 polymer 'Guanine nucleotide-binding protein G(t) subunit alpha-3'
3 polymer 'Guanine nucleotide-binding protein G(I)/G(S)/G(T) subunit beta-1'
4 polymer 'Guanine nucleotide-binding protein G(I)/G(S)/G(O) subunit gamma-2'
5 polymer scFv16
6 non-polymer '2-[[3-(TRIFLUOROMETHYL)PHENYL]AMINO] BENZOIC ACID'
#
loop_
_entity_poly.entity_id
_entity_poly.type
_entity_poly.pdbx_seq_one_letter_code
_entity_poly.pdbx_strand_id
1 'polypeptide(L)'
;MGGVIKSIFTFVLIVEFIIGNLGNSFIALVNCIDWVKGRKISSVDRILTALAISRISLVWLIFGSWCVSVFFPALFATEK
MFRMLTNIWTVINHFSVWLATGLGTFYFLKIANFSNSIFLYLKWRVKKVVLVLLLVTSVFLFLNIALINIHINASINGYR
RNKTCSSDSSNFTRFSSLIVLTSTVFIFIPFTLSLAMFLLLIFSMWKHRKKMQHTVKISGDASTKAHRGVKSVITFFLLY
AIFSLSFFISVWTSERLEENLIILSQVMGMAYPSCHSCVLILGNKKLRQASLSVLLWLRYMFKDGEPSGHKEFRESS
;
R
2 'polypeptide(L)'
;MGSTVSAEDKAAAERSKELEKKLQEDAERDARTVKLLLLGADNSGKSTIVKQMKIIHGGSGGSGGTTGIIETQFSFKDLH
FRMFDVGGQRSERKKWIHCFEDVTCIIFCADLSDYNRMHESLHLFNSICNHKYFSTTSIVLFLNKKDIFQEKVTKVHLSI
CFPEYTGPNTFEDAGNYIKNQFLDLNLKKEDKEIYSHMTCATDTQNAKFIFDAVTDIIIKENLKDCGLF
;
A
3 'polypeptide(L)'
;MHHHHHHLEVLFQGPGSSGSELDQLRQEAEQLKNQIRDARKACADATLSQITNNIDPVGRIQMRTRRTLRGHLAKIYAMH
WGTDSRLLVSASQDGKLIIWDSYTTNKVHAIPLRSSWVMTCAYAPSGNYVACGGLDNICSIYNLKTREGNVRVSRELAGH
TGYLSCCRFLDDNQIVTSSGDTTCALWDIETGQQTTTFTGHTGDVMSLSLAPDTRLFVSGACDASAKLWDVREGMCRQTF
TGHESDINAICFFPNGNAFATGSDDATCRLFDLRADQELMTYSHDNIICGITSVSFSKSGRLLLAGYDDFNCNVWDALKA
DRAGVLAGHDNRVSCLGVTDDGMAVATGSWDSFLKIWN
;
B
4 'polypeptide(L)' MASNNTASIAQARKLVEQLKMEANIDRIKVSKAAADLMAYCEAHAKEDPLLTPVPASENPFREKKFFCAIL G
5 'polypeptide(L)'
;DVQLVESGGGLVQPGGSRKLSCSASGFAFSSFGMHWVRQAPEKGLEWVAYISSGSGTIYYADTVKGRFTISRDDPKNTLF
LQMTSLRSEDTAMYYCVRSIYYYGSSPFDFWGQGTTLTVSSGGGGSGGGGSGGGGSDIVMTQATSSVPVTPGESVSISCR
SSKSLLHSNGNTYLYWFLQRPGQSPQLLIYRMSNLASGVPDRFSGSGSGTAFTLTISRLEAEDVGVYYCMQHLEYPLTFG
AGTKLELKGSLEVLFQ
;
S
#
loop_
_chem_comp.id
_chem_comp.type
_chem_comp.name
_chem_comp.formula
FLF non-polymer '2-[[3-(TRIFLUOROMETHYL)PHENYL]AMINO] BENZOIC ACID' 'C14 H10 F3 N O2'
#
# COMPACT_ATOMS: atom_id res chain seq x y z
N GLY A 3 -32.17 -41.06 -42.22
CA GLY A 3 -31.92 -40.17 -41.09
C GLY A 3 -30.52 -39.60 -41.09
N VAL A 4 -30.23 -38.72 -42.05
CA VAL A 4 -28.91 -38.12 -42.13
C VAL A 4 -28.59 -37.34 -40.87
N ILE A 5 -29.57 -36.56 -40.39
CA ILE A 5 -29.35 -35.79 -39.15
C ILE A 5 -29.12 -36.72 -37.98
N LYS A 6 -29.91 -37.80 -37.87
CA LYS A 6 -29.83 -38.68 -36.71
C LYS A 6 -28.43 -39.21 -36.50
N SER A 7 -27.64 -39.37 -37.56
CA SER A 7 -26.27 -39.86 -37.47
C SER A 7 -25.25 -38.75 -37.49
N ILE A 8 -25.46 -37.71 -38.30
CA ILE A 8 -24.51 -36.61 -38.39
C ILE A 8 -24.39 -35.90 -37.05
N PHE A 9 -25.52 -35.69 -36.36
CA PHE A 9 -25.49 -34.98 -35.09
C PHE A 9 -24.69 -35.73 -34.05
N THR A 10 -24.63 -37.06 -34.14
CA THR A 10 -23.80 -37.83 -33.21
C THR A 10 -22.33 -37.45 -33.35
N PHE A 11 -21.83 -37.46 -34.59
CA PHE A 11 -20.45 -37.07 -34.82
C PHE A 11 -20.23 -35.61 -34.44
N VAL A 12 -21.20 -34.75 -34.73
CA VAL A 12 -21.07 -33.34 -34.38
C VAL A 12 -20.94 -33.18 -32.87
N LEU A 13 -21.78 -33.91 -32.11
CA LEU A 13 -21.72 -33.83 -30.66
C LEU A 13 -20.40 -34.36 -30.13
N ILE A 14 -19.91 -35.47 -30.69
CA ILE A 14 -18.63 -36.01 -30.23
C ILE A 14 -17.51 -35.02 -30.51
N VAL A 15 -17.51 -34.41 -31.68
CA VAL A 15 -16.47 -33.43 -32.02
C VAL A 15 -16.54 -32.24 -31.08
N GLU A 16 -17.76 -31.76 -30.81
CA GLU A 16 -17.92 -30.64 -29.88
C GLU A 16 -17.42 -31.00 -28.49
N PHE A 17 -17.73 -32.23 -28.04
CA PHE A 17 -17.29 -32.68 -26.73
C PHE A 17 -15.76 -32.69 -26.66
N ILE A 18 -15.12 -33.24 -27.69
CA ILE A 18 -13.66 -33.31 -27.71
C ILE A 18 -13.06 -31.91 -27.70
N ILE A 19 -13.60 -31.03 -28.55
CA ILE A 19 -13.06 -29.67 -28.65
C ILE A 19 -13.23 -28.94 -27.33
N GLY A 20 -14.41 -29.06 -26.72
CA GLY A 20 -14.64 -28.40 -25.44
C GLY A 20 -13.70 -28.90 -24.37
N ASN A 21 -13.57 -30.23 -24.26
CA ASN A 21 -12.64 -30.79 -23.29
C ASN A 21 -11.24 -30.23 -23.50
N LEU A 22 -10.73 -30.34 -24.73
CA LEU A 22 -9.38 -29.88 -24.99
C LEU A 22 -9.21 -28.42 -24.62
N GLY A 23 -10.08 -27.55 -25.15
CA GLY A 23 -9.89 -26.12 -24.95
C GLY A 23 -10.03 -25.72 -23.49
N ASN A 24 -11.13 -26.13 -22.85
CA ASN A 24 -11.37 -25.69 -21.48
C ASN A 24 -10.36 -26.31 -20.52
N SER A 25 -10.03 -27.59 -20.69
CA SER A 25 -9.02 -28.21 -19.84
C SER A 25 -7.67 -27.55 -20.04
N PHE A 26 -7.33 -27.19 -21.27
CA PHE A 26 -6.06 -26.51 -21.52
C PHE A 26 -6.03 -25.15 -20.82
N ILE A 27 -7.13 -24.40 -20.91
CA ILE A 27 -7.20 -23.12 -20.21
C ILE A 27 -7.01 -23.33 -18.71
N ALA A 28 -7.72 -24.29 -18.14
CA ALA A 28 -7.65 -24.53 -16.70
C ALA A 28 -6.25 -24.95 -16.28
N LEU A 29 -5.63 -25.85 -17.04
CA LEU A 29 -4.29 -26.31 -16.70
C LEU A 29 -3.27 -25.19 -16.82
N VAL A 30 -3.37 -24.37 -17.86
CA VAL A 30 -2.44 -23.26 -18.02
C VAL A 30 -2.57 -22.29 -16.86
N ASN A 31 -3.80 -21.97 -16.46
CA ASN A 31 -4.00 -21.02 -15.37
C ASN A 31 -3.75 -21.62 -14.00
N CYS A 32 -3.74 -22.95 -13.88
CA CYS A 32 -3.49 -23.60 -12.60
C CYS A 32 -2.03 -23.95 -12.37
N ILE A 33 -1.27 -24.22 -13.44
CA ILE A 33 0.15 -24.50 -13.26
C ILE A 33 0.85 -23.30 -12.64
N ASP A 34 0.33 -22.09 -12.86
CA ASP A 34 0.90 -20.91 -12.23
C ASP A 34 0.75 -20.96 -10.71
N TRP A 35 -0.35 -21.55 -10.22
CA TRP A 35 -0.54 -21.65 -8.78
C TRP A 35 0.57 -22.45 -8.13
N VAL A 36 0.95 -23.57 -8.74
CA VAL A 36 2.01 -24.41 -8.17
C VAL A 36 3.38 -23.81 -8.43
N LYS A 37 3.66 -23.42 -9.68
CA LYS A 37 4.95 -22.85 -10.02
C LYS A 37 5.17 -21.49 -9.38
N GLY A 38 4.11 -20.86 -8.85
CA GLY A 38 4.21 -19.56 -8.22
C GLY A 38 4.00 -18.39 -9.15
N ARG A 39 3.85 -18.62 -10.45
CA ARG A 39 3.65 -17.53 -11.39
C ARG A 39 2.33 -16.82 -11.07
N LYS A 40 2.36 -15.49 -11.12
CA LYS A 40 1.20 -14.70 -10.77
C LYS A 40 0.11 -14.82 -11.83
N ILE A 41 -1.14 -14.72 -11.39
CA ILE A 41 -2.30 -14.78 -12.27
C ILE A 41 -3.13 -13.52 -12.06
N SER A 42 -3.49 -12.87 -13.17
CA SER A 42 -4.26 -11.63 -13.11
C SER A 42 -5.73 -11.91 -12.85
N SER A 43 -6.51 -10.85 -12.73
CA SER A 43 -7.95 -11.02 -12.54
C SER A 43 -8.58 -11.70 -13.75
N VAL A 44 -8.16 -11.33 -14.96
CA VAL A 44 -8.67 -11.99 -16.15
C VAL A 44 -8.32 -13.46 -16.13
N ASP A 45 -7.13 -13.80 -15.62
CA ASP A 45 -6.77 -15.21 -15.49
C ASP A 45 -7.74 -15.92 -14.55
N ARG A 46 -8.09 -15.28 -13.43
CA ARG A 46 -9.03 -15.90 -12.49
C ARG A 46 -10.39 -16.10 -13.14
N ILE A 47 -10.88 -15.11 -13.88
CA ILE A 47 -12.19 -15.24 -14.51
C ILE A 47 -12.15 -16.33 -15.59
N LEU A 48 -11.06 -16.38 -16.37
CA LEU A 48 -10.94 -17.43 -17.38
C LEU A 48 -10.90 -18.80 -16.75
N THR A 49 -10.18 -18.94 -15.63
CA THR A 49 -10.15 -20.23 -14.93
C THR A 49 -11.53 -20.61 -14.44
N ALA A 50 -12.26 -19.67 -13.83
CA ALA A 50 -13.60 -19.97 -13.37
C ALA A 50 -14.47 -20.43 -14.52
N LEU A 51 -14.40 -19.70 -15.64
CA LEU A 51 -15.20 -20.07 -16.81
C LEU A 51 -14.81 -21.45 -17.32
N ALA A 52 -13.52 -21.78 -17.30
CA ALA A 52 -13.06 -23.05 -17.83
C ALA A 52 -13.53 -24.23 -16.96
N ILE A 53 -13.36 -24.11 -15.64
CA ILE A 53 -13.87 -25.17 -14.77
C ILE A 53 -15.39 -25.23 -14.77
N SER A 54 -16.08 -24.14 -15.09
CA SER A 54 -17.53 -24.24 -15.23
C SER A 54 -17.91 -24.94 -16.53
N ARG A 55 -17.22 -24.65 -17.62
CA ARG A 55 -17.57 -25.20 -18.91
C ARG A 55 -17.15 -26.67 -19.06
N ILE A 56 -16.06 -27.09 -18.42
CA ILE A 56 -15.76 -28.52 -18.40
C ILE A 56 -16.78 -29.29 -17.60
N SER A 57 -17.54 -28.62 -16.74
CA SER A 57 -18.67 -29.24 -16.05
C SER A 57 -19.90 -29.28 -16.94
N LEU A 58 -20.23 -28.17 -17.59
CA LEU A 58 -21.40 -28.14 -18.46
C LEU A 58 -21.26 -29.10 -19.63
N VAL A 59 -20.09 -29.13 -20.26
CA VAL A 59 -19.85 -30.00 -21.40
C VAL A 59 -19.96 -31.46 -20.96
N TRP A 60 -19.35 -31.80 -19.82
CA TRP A 60 -19.43 -33.16 -19.32
C TRP A 60 -20.87 -33.53 -19.00
N LEU A 61 -21.64 -32.59 -18.45
CA LEU A 61 -23.04 -32.87 -18.13
C LEU A 61 -23.84 -33.18 -19.39
N ILE A 62 -23.64 -32.39 -20.45
CA ILE A 62 -24.38 -32.64 -21.68
C ILE A 62 -23.93 -33.96 -22.31
N PHE A 63 -22.64 -34.26 -22.25
CA PHE A 63 -22.17 -35.52 -22.80
C PHE A 63 -22.73 -36.71 -22.04
N GLY A 64 -22.79 -36.61 -20.71
CA GLY A 64 -23.44 -37.64 -19.93
C GLY A 64 -24.91 -37.78 -20.23
N SER A 65 -25.60 -36.66 -20.47
CA SER A 65 -26.99 -36.71 -20.90
C SER A 65 -27.16 -37.43 -22.23
N TRP A 66 -26.26 -37.21 -23.19
CA TRP A 66 -26.33 -37.95 -24.44
C TRP A 66 -26.03 -39.43 -24.22
N CYS A 67 -25.00 -39.74 -23.43
CA CYS A 67 -24.62 -41.13 -23.20
C CYS A 67 -25.75 -41.92 -22.55
N VAL A 68 -26.38 -41.34 -21.52
CA VAL A 68 -27.50 -42.01 -20.88
C VAL A 68 -28.65 -42.17 -21.85
N SER A 69 -28.72 -41.33 -22.88
CA SER A 69 -29.75 -41.44 -23.90
C SER A 69 -29.39 -42.43 -25.00
N VAL A 70 -28.23 -43.08 -24.91
CA VAL A 70 -27.79 -44.07 -25.89
C VAL A 70 -27.60 -45.44 -25.25
N PHE A 71 -26.84 -45.50 -24.15
CA PHE A 71 -26.56 -46.78 -23.50
C PHE A 71 -27.79 -47.33 -22.80
N PHE A 72 -28.34 -46.59 -21.85
CA PHE A 72 -29.49 -47.02 -21.06
C PHE A 72 -30.54 -45.92 -21.05
N PRO A 73 -31.17 -45.66 -22.21
CA PRO A 73 -32.24 -44.66 -22.25
C PRO A 73 -33.45 -45.01 -21.42
N ALA A 74 -33.58 -46.27 -20.98
CA ALA A 74 -34.75 -46.66 -20.19
C ALA A 74 -34.90 -45.78 -18.97
N LEU A 75 -33.80 -45.50 -18.27
CA LEU A 75 -33.84 -44.63 -17.10
C LEU A 75 -33.83 -43.15 -17.46
N PHE A 76 -33.33 -42.80 -18.66
CA PHE A 76 -33.25 -41.39 -19.03
C PHE A 76 -34.62 -40.75 -19.05
N ALA A 77 -35.62 -41.43 -19.61
CA ALA A 77 -36.98 -40.91 -19.68
C ALA A 77 -37.70 -41.19 -18.36
N THR A 78 -37.21 -40.52 -17.31
CA THR A 78 -37.78 -40.65 -15.98
C THR A 78 -37.96 -39.26 -15.39
N GLU A 79 -39.07 -39.07 -14.66
CA GLU A 79 -39.35 -37.76 -14.07
C GLU A 79 -38.20 -37.28 -13.21
N LYS A 80 -37.75 -38.13 -12.28
CA LYS A 80 -36.62 -37.76 -11.44
C LYS A 80 -35.41 -37.37 -12.29
N MET A 81 -35.03 -38.23 -13.23
CA MET A 81 -33.93 -37.90 -14.13
C MET A 81 -34.23 -36.59 -14.85
N PHE A 82 -35.27 -36.57 -15.68
CA PHE A 82 -35.53 -35.39 -16.51
C PHE A 82 -35.42 -34.10 -15.70
N ARG A 83 -36.09 -33.99 -14.56
CA ARG A 83 -36.10 -32.76 -13.72
C ARG A 83 -34.73 -32.51 -13.11
N MET A 84 -34.00 -33.52 -12.66
CA MET A 84 -32.68 -33.28 -12.08
C MET A 84 -31.67 -32.87 -13.13
N LEU A 85 -31.66 -33.54 -14.28
CA LEU A 85 -30.78 -33.16 -15.38
C LEU A 85 -31.08 -31.73 -15.83
N THR A 86 -32.36 -31.38 -15.98
CA THR A 86 -32.69 -30.03 -16.43
C THR A 86 -32.24 -28.98 -15.40
N ASN A 87 -32.48 -29.25 -14.12
CA ASN A 87 -32.13 -28.28 -13.09
C ASN A 87 -30.61 -28.11 -13.00
N ILE A 88 -29.87 -29.21 -13.00
CA ILE A 88 -28.42 -29.12 -12.96
C ILE A 88 -27.85 -28.55 -14.25
N TRP A 89 -28.56 -28.68 -15.37
CA TRP A 89 -28.10 -28.04 -16.59
C TRP A 89 -28.29 -26.53 -16.54
N THR A 90 -29.45 -26.08 -16.08
CA THR A 90 -29.69 -24.64 -16.02
C THR A 90 -28.85 -23.95 -14.94
N VAL A 91 -28.70 -24.57 -13.77
CA VAL A 91 -27.92 -23.95 -12.70
C VAL A 91 -26.46 -23.79 -13.12
N ILE A 92 -25.98 -24.65 -14.01
CA ILE A 92 -24.59 -24.56 -14.47
C ILE A 92 -24.49 -23.66 -15.70
N ASN A 93 -25.45 -23.74 -16.62
CA ASN A 93 -25.39 -22.94 -17.84
C ASN A 93 -25.55 -21.46 -17.53
N HIS A 94 -26.45 -21.11 -16.62
CA HIS A 94 -26.62 -19.71 -16.27
C HIS A 94 -25.31 -19.12 -15.77
N PHE A 95 -24.65 -19.81 -14.85
CA PHE A 95 -23.36 -19.34 -14.36
C PHE A 95 -22.29 -19.35 -15.44
N SER A 96 -22.28 -20.36 -16.31
CA SER A 96 -21.28 -20.44 -17.38
C SER A 96 -21.44 -19.32 -18.40
N VAL A 97 -22.64 -18.78 -18.57
CA VAL A 97 -22.83 -17.70 -19.53
C VAL A 97 -22.66 -16.36 -18.83
N TRP A 98 -23.04 -16.27 -17.56
CA TRP A 98 -22.91 -15.01 -16.85
C TRP A 98 -21.48 -14.74 -16.41
N LEU A 99 -20.66 -15.78 -16.25
CA LEU A 99 -19.23 -15.56 -16.06
C LEU A 99 -18.54 -15.15 -17.36
N ALA A 100 -19.05 -15.59 -18.50
CA ALA A 100 -18.58 -15.08 -19.78
C ALA A 100 -19.01 -13.63 -20.02
N THR A 101 -20.19 -13.24 -19.56
CA THR A 101 -20.60 -11.84 -19.59
C THR A 101 -19.88 -10.98 -18.56
N GLY A 102 -19.51 -11.54 -17.40
CA GLY A 102 -18.67 -10.81 -16.48
C GLY A 102 -17.29 -10.56 -17.05
N LEU A 103 -16.76 -11.51 -17.79
CA LEU A 103 -15.51 -11.28 -18.51
C LEU A 103 -15.67 -10.15 -19.53
N GLY A 104 -16.79 -10.13 -20.24
CA GLY A 104 -17.04 -9.03 -21.16
C GLY A 104 -17.13 -7.69 -20.47
N THR A 105 -17.81 -7.64 -19.32
CA THR A 105 -17.87 -6.40 -18.56
C THR A 105 -16.50 -5.96 -18.09
N PHE A 106 -15.69 -6.91 -17.61
CA PHE A 106 -14.31 -6.61 -17.22
C PHE A 106 -13.55 -5.98 -18.38
N TYR A 107 -13.57 -6.63 -19.54
CA TYR A 107 -12.84 -6.11 -20.69
C TYR A 107 -13.36 -4.74 -21.10
N PHE A 108 -14.69 -4.58 -21.15
CA PHE A 108 -15.26 -3.31 -21.58
C PHE A 108 -14.88 -2.19 -20.63
N LEU A 109 -14.97 -2.44 -19.33
CA LEU A 109 -14.70 -1.38 -18.35
C LEU A 109 -13.23 -1.02 -18.34
N LYS A 110 -12.33 -1.99 -18.51
CA LYS A 110 -10.91 -1.66 -18.49
C LYS A 110 -10.45 -1.05 -19.80
N ILE A 111 -10.60 -1.77 -20.91
CA ILE A 111 -10.04 -1.34 -22.18
C ILE A 111 -10.66 -0.04 -22.66
N ALA A 112 -11.99 0.05 -22.64
CA ALA A 112 -12.69 1.20 -23.20
C ALA A 112 -12.20 2.49 -22.55
N ASN A 113 -12.38 3.62 -23.24
CA ASN A 113 -11.85 4.91 -22.79
C ASN A 113 -12.92 5.99 -22.92
N PHE A 114 -14.14 5.70 -22.47
CA PHE A 114 -15.18 6.71 -22.45
C PHE A 114 -14.98 7.67 -21.29
N SER A 115 -15.54 8.87 -21.43
CA SER A 115 -15.41 9.93 -20.44
C SER A 115 -16.65 10.08 -19.57
N ASN A 116 -17.63 9.19 -19.71
CA ASN A 116 -18.85 9.29 -18.91
C ASN A 116 -18.52 9.15 -17.44
N SER A 117 -19.18 9.97 -16.61
CA SER A 117 -18.93 9.92 -15.17
C SER A 117 -19.32 8.56 -14.60
N ILE A 118 -20.49 8.04 -14.98
CA ILE A 118 -20.91 6.73 -14.48
C ILE A 118 -19.95 5.66 -14.96
N PHE A 119 -19.49 5.76 -16.20
CA PHE A 119 -18.54 4.78 -16.72
C PHE A 119 -17.25 4.81 -15.94
N LEU A 120 -16.75 6.00 -15.61
CA LEU A 120 -15.53 6.10 -14.81
C LEU A 120 -15.74 5.53 -13.42
N TYR A 121 -16.90 5.81 -12.82
CA TYR A 121 -17.19 5.26 -11.50
C TYR A 121 -17.19 3.75 -11.52
N LEU A 122 -17.80 3.15 -12.55
CA LEU A 122 -17.79 1.70 -12.67
C LEU A 122 -16.39 1.17 -12.96
N LYS A 123 -15.62 1.89 -13.78
CA LYS A 123 -14.26 1.46 -14.10
C LYS A 123 -13.40 1.39 -12.85
N TRP A 124 -13.51 2.38 -11.97
CA TRP A 124 -12.74 2.34 -10.74
C TRP A 124 -13.19 1.22 -9.81
N ARG A 125 -14.41 0.69 -10.00
CA ARG A 125 -14.92 -0.44 -9.25
C ARG A 125 -14.99 -1.71 -10.11
N VAL A 126 -14.12 -1.83 -11.11
CA VAL A 126 -14.23 -2.93 -12.06
C VAL A 126 -14.11 -4.27 -11.34
N LYS A 127 -13.30 -4.34 -10.29
CA LYS A 127 -13.13 -5.58 -9.54
C LYS A 127 -14.33 -5.93 -8.69
N LYS A 128 -15.23 -4.98 -8.42
CA LYS A 128 -16.40 -5.23 -7.58
C LYS A 128 -17.69 -5.38 -8.38
N VAL A 129 -17.78 -4.78 -9.57
CA VAL A 129 -18.97 -4.94 -10.40
C VAL A 129 -19.16 -6.37 -10.87
N VAL A 130 -18.09 -7.15 -10.97
CA VAL A 130 -18.16 -8.52 -11.46
C VAL A 130 -18.66 -9.44 -10.36
N LEU A 131 -19.05 -8.86 -9.22
CA LEU A 131 -19.70 -9.60 -8.15
C LEU A 131 -21.14 -9.14 -7.91
N VAL A 132 -21.40 -7.83 -7.93
CA VAL A 132 -22.77 -7.36 -7.91
C VAL A 132 -23.53 -7.89 -9.12
N LEU A 133 -22.85 -7.94 -10.27
CA LEU A 133 -23.45 -8.54 -11.46
C LEU A 133 -23.79 -9.99 -11.20
N LEU A 134 -22.88 -10.74 -10.57
CA LEU A 134 -23.16 -12.14 -10.30
C LEU A 134 -24.35 -12.30 -9.34
N LEU A 135 -24.50 -11.38 -8.39
CA LEU A 135 -25.64 -11.45 -7.49
C LEU A 135 -26.96 -11.22 -8.23
N VAL A 136 -27.02 -10.14 -9.03
CA VAL A 136 -28.25 -9.88 -9.78
C VAL A 136 -28.54 -11.02 -10.74
N THR A 137 -27.49 -11.62 -11.29
CA THR A 137 -27.69 -12.74 -12.19
C THR A 137 -28.12 -14.00 -11.43
N SER A 138 -27.73 -14.12 -10.16
CA SER A 138 -28.30 -15.17 -9.33
C SER A 138 -29.78 -14.96 -9.13
N VAL A 139 -30.22 -13.70 -9.04
CA VAL A 139 -31.65 -13.42 -9.00
C VAL A 139 -32.32 -13.90 -10.29
N PHE A 140 -31.72 -13.56 -11.44
CA PHE A 140 -32.22 -14.10 -12.71
C PHE A 140 -32.24 -15.63 -12.70
N LEU A 141 -31.24 -16.25 -12.11
CA LEU A 141 -31.18 -17.71 -12.06
C LEU A 141 -32.33 -18.28 -11.26
N PHE A 142 -32.65 -17.64 -10.14
CA PHE A 142 -33.80 -18.10 -9.35
C PHE A 142 -35.08 -17.97 -10.16
N LEU A 143 -35.25 -16.86 -10.87
CA LEU A 143 -36.43 -16.72 -11.72
C LEU A 143 -36.49 -17.81 -12.78
N ASN A 144 -35.35 -18.10 -13.42
CA ASN A 144 -35.31 -19.13 -14.45
C ASN A 144 -35.65 -20.50 -13.87
N ILE A 145 -35.02 -20.85 -12.77
CA ILE A 145 -35.31 -22.15 -12.14
C ILE A 145 -36.81 -22.11 -12.00
N ALA A 146 -37.37 -21.00 -11.55
CA ALA A 146 -38.81 -20.90 -11.28
C ALA A 146 -39.59 -21.38 -12.48
N LEU A 147 -39.44 -20.73 -13.63
CA LEU A 147 -40.27 -21.05 -14.81
C LEU A 147 -39.84 -22.36 -15.47
N ILE A 148 -38.61 -22.84 -15.39
CA ILE A 148 -38.26 -24.13 -16.05
C ILE A 148 -38.66 -25.24 -15.10
N ASN A 149 -39.21 -24.90 -13.94
CA ASN A 149 -39.74 -25.89 -12.98
C ASN A 149 -41.24 -25.91 -13.09
N ILE A 150 -41.89 -24.75 -13.11
CA ILE A 150 -43.32 -24.67 -13.36
C ILE A 150 -43.68 -25.38 -14.65
N HIS A 151 -42.88 -25.17 -15.70
CA HIS A 151 -43.16 -25.85 -16.96
C HIS A 151 -43.06 -27.36 -16.81
N ILE A 152 -42.05 -27.84 -16.09
CA ILE A 152 -41.89 -29.27 -15.89
C ILE A 152 -43.06 -29.84 -15.10
N ASN A 153 -43.48 -29.14 -14.05
CA ASN A 153 -44.62 -29.60 -13.27
C ASN A 153 -45.87 -29.68 -14.13
N ALA A 154 -46.12 -28.65 -14.94
CA ALA A 154 -47.29 -28.67 -15.81
C ALA A 154 -47.22 -29.85 -16.79
N SER A 155 -46.06 -30.08 -17.38
CA SER A 155 -45.92 -31.19 -18.31
C SER A 155 -46.15 -32.52 -17.63
N ILE A 156 -45.59 -32.71 -16.43
CA ILE A 156 -45.74 -33.97 -15.72
C ILE A 156 -47.19 -34.21 -15.34
N ASN A 157 -47.87 -33.17 -14.85
CA ASN A 157 -49.27 -33.32 -14.47
C ASN A 157 -50.14 -33.67 -15.68
N GLY A 158 -49.74 -33.23 -16.86
CA GLY A 158 -50.49 -33.51 -18.07
C GLY A 158 -50.14 -34.87 -18.66
N ASN A 171 -39.95 -38.99 -19.89
CA ASN A 171 -41.08 -38.65 -19.04
C ASN A 171 -41.41 -37.16 -19.16
N PHE A 172 -41.69 -36.72 -20.39
CA PHE A 172 -42.00 -35.32 -20.65
C PHE A 172 -43.22 -35.18 -21.57
N THR A 173 -43.66 -36.29 -22.14
CA THR A 173 -44.87 -36.33 -22.97
C THR A 173 -44.80 -35.31 -24.10
N ARG A 174 -43.60 -35.19 -24.67
CA ARG A 174 -43.38 -34.32 -25.82
C ARG A 174 -43.87 -32.90 -25.56
N PHE A 175 -43.60 -32.38 -24.36
CA PHE A 175 -43.98 -31.02 -23.99
C PHE A 175 -42.75 -30.17 -23.67
N SER A 176 -41.60 -30.48 -24.25
CA SER A 176 -40.35 -29.81 -23.95
C SER A 176 -40.10 -28.58 -24.81
N SER A 177 -41.04 -28.22 -25.69
CA SER A 177 -40.85 -27.01 -26.48
C SER A 177 -40.82 -25.76 -25.59
N LEU A 178 -41.72 -25.69 -24.62
CA LEU A 178 -41.78 -24.52 -23.75
C LEU A 178 -40.48 -24.33 -22.98
N ILE A 179 -39.90 -25.40 -22.47
CA ILE A 179 -38.69 -25.36 -21.59
C ILE A 179 -37.52 -24.97 -22.47
N VAL A 180 -37.46 -25.51 -23.66
CA VAL A 180 -36.38 -25.16 -24.58
C VAL A 180 -36.48 -23.71 -25.03
N LEU A 181 -37.70 -23.18 -25.15
CA LEU A 181 -37.87 -21.78 -25.51
C LEU A 181 -37.56 -20.83 -24.36
N THR A 182 -37.90 -21.20 -23.12
CA THR A 182 -37.63 -20.35 -21.98
C THR A 182 -36.15 -20.30 -21.62
N SER A 183 -35.44 -21.42 -21.79
CA SER A 183 -34.00 -21.41 -21.55
C SER A 183 -33.24 -20.59 -22.59
N THR A 184 -33.90 -20.19 -23.68
CA THR A 184 -33.25 -19.47 -24.76
C THR A 184 -33.36 -17.96 -24.62
N VAL A 185 -34.11 -17.45 -23.64
CA VAL A 185 -34.19 -16.01 -23.42
C VAL A 185 -33.21 -15.64 -22.32
N PHE A 186 -33.11 -16.48 -21.30
CA PHE A 186 -32.13 -16.29 -20.24
C PHE A 186 -30.70 -16.59 -20.70
N ILE A 187 -30.54 -17.13 -21.89
CA ILE A 187 -29.22 -17.21 -22.52
C ILE A 187 -28.97 -16.01 -23.43
N PHE A 188 -30.03 -15.46 -24.03
CA PHE A 188 -29.86 -14.34 -24.94
C PHE A 188 -29.64 -13.04 -24.18
N ILE A 189 -30.26 -12.89 -23.00
CA ILE A 189 -29.99 -11.70 -22.20
C ILE A 189 -28.51 -11.58 -21.87
N PRO A 190 -27.83 -12.61 -21.33
CA PRO A 190 -26.37 -12.54 -21.22
C PRO A 190 -25.69 -12.27 -22.55
N PHE A 191 -26.13 -12.95 -23.62
CA PHE A 191 -25.49 -12.76 -24.91
C PHE A 191 -25.74 -11.36 -25.46
N THR A 192 -26.96 -10.84 -25.29
CA THR A 192 -27.24 -9.49 -25.76
C THR A 192 -26.41 -8.47 -24.99
N LEU A 193 -26.29 -8.62 -23.68
CA LEU A 193 -25.46 -7.72 -22.90
C LEU A 193 -24.00 -7.80 -23.34
N SER A 194 -23.50 -9.02 -23.56
CA SER A 194 -22.12 -9.18 -24.00
C SER A 194 -21.90 -8.53 -25.36
N LEU A 195 -22.84 -8.70 -26.29
CA LEU A 195 -22.69 -8.06 -27.60
C LEU A 195 -22.74 -6.55 -27.49
N ALA A 196 -23.66 -6.02 -26.67
CA ALA A 196 -23.72 -4.57 -26.47
C ALA A 196 -22.45 -4.03 -25.85
N MET A 197 -21.77 -4.83 -25.03
CA MET A 197 -20.49 -4.44 -24.47
C MET A 197 -19.32 -4.75 -25.39
N PHE A 198 -19.56 -5.47 -26.50
CA PHE A 198 -18.55 -5.68 -27.52
C PHE A 198 -18.69 -4.74 -28.70
N LEU A 199 -19.86 -4.14 -28.90
CA LEU A 199 -20.06 -3.13 -29.94
C LEU A 199 -19.85 -1.71 -29.40
N LEU A 200 -19.53 -1.58 -28.12
CA LEU A 200 -19.01 -0.32 -27.58
C LEU A 200 -17.52 -0.35 -27.32
N LEU A 201 -16.94 -1.50 -26.98
CA LEU A 201 -15.49 -1.61 -26.89
C LEU A 201 -14.85 -1.43 -28.25
N ILE A 202 -15.36 -2.14 -29.27
CA ILE A 202 -14.80 -2.01 -30.61
C ILE A 202 -15.05 -0.61 -31.16
N PHE A 203 -16.19 -0.02 -30.84
CA PHE A 203 -16.45 1.35 -31.28
C PHE A 203 -15.43 2.31 -30.68
N SER A 204 -15.14 2.16 -29.39
CA SER A 204 -14.14 3.00 -28.75
C SER A 204 -12.77 2.79 -29.37
N MET A 205 -12.40 1.53 -29.62
CA MET A 205 -11.10 1.24 -30.22
C MET A 205 -10.99 1.88 -31.60
N TRP A 206 -12.04 1.76 -32.42
CA TRP A 206 -12.01 2.36 -33.75
C TRP A 206 -11.93 3.88 -33.68
N LYS A 207 -12.70 4.49 -32.78
CA LYS A 207 -12.64 5.95 -32.67
C LYS A 207 -11.26 6.40 -32.23
N HIS A 208 -10.66 5.71 -31.27
CA HIS A 208 -9.32 6.06 -30.82
C HIS A 208 -8.30 5.89 -31.94
N ARG A 209 -8.41 4.79 -32.68
CA ARG A 209 -7.49 4.57 -33.80
C ARG A 209 -7.64 5.64 -34.86
N LYS A 210 -8.87 6.05 -35.15
CA LYS A 210 -9.07 7.17 -36.08
C LYS A 210 -8.45 8.44 -35.53
N LYS A 211 -8.50 8.64 -34.21
CA LYS A 211 -7.83 9.78 -33.61
C LYS A 211 -6.31 9.71 -33.80
N MET A 212 -5.76 8.51 -33.97
CA MET A 212 -4.33 8.33 -34.22
C MET A 212 -4.04 8.28 -35.72
N GLN A 213 -4.33 9.38 -36.41
CA GLN A 213 -4.11 9.41 -37.87
C GLN A 213 -2.65 9.26 -38.21
N HIS A 214 -1.79 10.08 -37.60
CA HIS A 214 -0.35 10.05 -37.86
C HIS A 214 0.51 10.13 -36.61
N THR A 215 -0.05 10.46 -35.46
CA THR A 215 0.73 10.57 -34.23
C THR A 215 1.44 9.26 -33.92
N SER A 223 -0.36 -3.77 -36.60
CA SER A 223 -0.42 -5.17 -36.20
C SER A 223 -1.70 -5.82 -36.74
N THR A 224 -1.60 -6.47 -37.89
CA THR A 224 -2.76 -7.15 -38.46
C THR A 224 -3.23 -8.30 -37.58
N LYS A 225 -2.38 -8.79 -36.68
CA LYS A 225 -2.78 -9.88 -35.80
C LYS A 225 -3.94 -9.48 -34.91
N ALA A 226 -3.89 -8.26 -34.35
CA ALA A 226 -4.99 -7.80 -33.50
C ALA A 226 -6.28 -7.64 -34.30
N HIS A 227 -6.18 -7.10 -35.51
CA HIS A 227 -7.36 -6.96 -36.35
C HIS A 227 -7.98 -8.31 -36.67
N ARG A 228 -7.16 -9.30 -37.02
CA ARG A 228 -7.68 -10.63 -37.30
C ARG A 228 -8.26 -11.28 -36.05
N GLY A 229 -7.65 -11.04 -34.88
CA GLY A 229 -8.19 -11.55 -33.64
C GLY A 229 -9.55 -10.98 -33.29
N VAL A 230 -9.73 -9.66 -33.43
CA VAL A 230 -11.05 -9.08 -33.19
C VAL A 230 -12.05 -9.55 -34.24
N LYS A 231 -11.59 -9.72 -35.49
CA LYS A 231 -12.47 -10.28 -36.51
C LYS A 231 -12.91 -11.69 -36.16
N SER A 232 -12.04 -12.46 -35.51
CA SER A 232 -12.41 -13.80 -35.08
C SER A 232 -13.57 -13.75 -34.08
N VAL A 233 -13.48 -12.81 -33.12
CA VAL A 233 -14.56 -12.67 -32.14
C VAL A 233 -15.84 -12.24 -32.83
N ILE A 234 -15.74 -11.29 -33.76
CA ILE A 234 -16.93 -10.84 -34.48
C ILE A 234 -17.57 -12.00 -35.24
N THR A 235 -16.74 -12.79 -35.92
CA THR A 235 -17.26 -13.93 -36.67
C THR A 235 -17.92 -14.95 -35.75
N PHE A 236 -17.29 -15.24 -34.61
CA PHE A 236 -17.86 -16.20 -33.68
C PHE A 236 -19.20 -15.72 -33.16
N PHE A 237 -19.29 -14.44 -32.78
CA PHE A 237 -20.56 -13.91 -32.30
C PHE A 237 -21.62 -13.97 -33.38
N LEU A 238 -21.28 -13.60 -34.62
CA LEU A 238 -22.24 -13.65 -35.70
C LEU A 238 -22.75 -15.08 -35.90
N LEU A 239 -21.83 -16.04 -35.97
CA LEU A 239 -22.21 -17.42 -36.19
C LEU A 239 -23.09 -17.95 -35.07
N TYR A 240 -22.70 -17.68 -33.82
CA TYR A 240 -23.48 -18.18 -32.69
C TYR A 240 -24.86 -17.56 -32.66
N ALA A 241 -24.95 -16.25 -32.91
CA ALA A 241 -26.26 -15.60 -32.93
C ALA A 241 -27.14 -16.18 -34.02
N ILE A 242 -26.58 -16.37 -35.22
CA ILE A 242 -27.36 -16.90 -36.33
C ILE A 242 -27.86 -18.30 -36.00
N PHE A 243 -26.96 -19.15 -35.50
CA PHE A 243 -27.34 -20.53 -35.19
C PHE A 243 -28.38 -20.59 -34.08
N SER A 244 -28.20 -19.77 -33.03
CA SER A 244 -29.17 -19.76 -31.94
C SER A 244 -30.53 -19.27 -32.39
N LEU A 245 -30.58 -18.22 -33.21
CA LEU A 245 -31.86 -17.74 -33.72
C LEU A 245 -32.52 -18.79 -34.60
N SER A 246 -31.74 -19.46 -35.45
CA SER A 246 -32.30 -20.52 -36.28
C SER A 246 -32.87 -21.63 -35.43
N PHE A 247 -32.13 -22.05 -34.40
CA PHE A 247 -32.63 -23.09 -33.50
C PHE A 247 -33.91 -22.65 -32.82
N PHE A 248 -33.96 -21.41 -32.33
CA PHE A 248 -35.14 -20.94 -31.60
C PHE A 248 -36.36 -20.92 -32.52
N ILE A 249 -36.19 -20.40 -33.73
CA ILE A 249 -37.34 -20.31 -34.64
C ILE A 249 -37.78 -21.71 -35.07
N SER A 250 -36.82 -22.61 -35.29
CA SER A 250 -37.19 -23.99 -35.65
C SER A 250 -37.95 -24.66 -34.51
N VAL A 251 -37.50 -24.47 -33.28
CA VAL A 251 -38.18 -25.07 -32.13
C VAL A 251 -39.59 -24.51 -32.01
N TRP A 252 -39.72 -23.18 -32.13
CA TRP A 252 -41.04 -22.58 -32.00
C TRP A 252 -41.99 -23.07 -33.08
N THR A 253 -41.47 -23.21 -34.31
CA THR A 253 -42.28 -23.70 -35.42
C THR A 253 -42.11 -25.20 -35.58
N GLU A 258 -39.84 -32.49 -32.31
CA GLU A 258 -39.63 -33.65 -33.16
C GLU A 258 -38.83 -34.72 -32.42
N GLU A 259 -38.77 -35.92 -33.01
CA GLU A 259 -38.04 -37.01 -32.38
C GLU A 259 -36.55 -36.68 -32.26
N ASN A 260 -35.98 -36.09 -33.30
CA ASN A 260 -34.57 -35.73 -33.30
C ASN A 260 -34.30 -34.37 -32.69
N LEU A 261 -35.33 -33.67 -32.22
CA LEU A 261 -35.17 -32.32 -31.70
C LEU A 261 -34.38 -32.28 -30.41
N ILE A 262 -34.14 -33.40 -29.74
CA ILE A 262 -33.37 -33.42 -28.51
C ILE A 262 -31.87 -33.44 -28.78
N ILE A 263 -31.44 -34.20 -29.78
CA ILE A 263 -30.02 -34.26 -30.11
C ILE A 263 -29.53 -32.89 -30.55
N LEU A 264 -30.29 -32.22 -31.41
CA LEU A 264 -29.91 -30.89 -31.87
C LEU A 264 -29.85 -29.90 -30.70
N SER A 265 -30.79 -30.02 -29.76
CA SER A 265 -30.77 -29.15 -28.59
C SER A 265 -29.50 -29.36 -27.77
N GLN A 266 -29.10 -30.61 -27.58
CA GLN A 266 -27.86 -30.89 -26.87
C GLN A 266 -26.67 -30.32 -27.62
N VAL A 267 -26.67 -30.47 -28.95
CA VAL A 267 -25.58 -29.92 -29.76
C VAL A 267 -25.46 -28.42 -29.53
N MET A 268 -26.57 -27.70 -29.58
CA MET A 268 -26.48 -26.25 -29.33
C MET A 268 -25.99 -26.03 -27.91
N GLY A 269 -26.60 -26.68 -26.92
CA GLY A 269 -26.24 -26.41 -25.54
C GLY A 269 -24.77 -26.59 -25.27
N MET A 270 -24.14 -27.55 -25.96
CA MET A 270 -22.71 -27.80 -25.80
C MET A 270 -21.87 -27.01 -26.79
N ALA A 271 -22.49 -26.32 -27.74
CA ALA A 271 -21.74 -25.51 -28.70
C ALA A 271 -20.99 -24.36 -28.01
N TYR A 272 -21.73 -23.48 -27.34
CA TYR A 272 -21.11 -22.28 -26.77
C TYR A 272 -19.97 -22.60 -25.81
N PRO A 273 -20.13 -23.51 -24.85
CA PRO A 273 -19.01 -23.78 -23.92
C PRO A 273 -17.74 -24.20 -24.63
N SER A 274 -17.84 -24.99 -25.68
CA SER A 274 -16.66 -25.46 -26.41
C SER A 274 -16.17 -24.41 -27.41
N CYS A 275 -17.10 -23.74 -28.09
CA CYS A 275 -16.70 -22.79 -29.13
C CYS A 275 -16.02 -21.57 -28.54
N HIS A 276 -16.64 -20.95 -27.52
CA HIS A 276 -16.11 -19.70 -27.01
C HIS A 276 -14.76 -19.90 -26.33
N SER A 277 -14.48 -21.12 -25.88
CA SER A 277 -13.18 -21.39 -25.24
C SER A 277 -12.05 -21.17 -26.25
N CYS A 278 -12.24 -21.59 -27.49
CA CYS A 278 -11.22 -21.35 -28.51
C CYS A 278 -11.00 -19.86 -28.73
N VAL A 279 -12.08 -19.09 -28.79
CA VAL A 279 -11.95 -17.64 -28.96
C VAL A 279 -11.16 -17.04 -27.80
N LEU A 280 -11.47 -17.47 -26.57
CA LEU A 280 -10.71 -17.00 -25.43
C LEU A 280 -9.24 -17.37 -25.54
N ILE A 281 -8.95 -18.59 -26.00
CA ILE A 281 -7.57 -19.01 -26.19
C ILE A 281 -6.87 -18.10 -27.20
N LEU A 282 -7.58 -17.68 -28.24
CA LEU A 282 -7.05 -16.71 -29.20
C LEU A 282 -7.13 -15.29 -28.65
N GLY A 283 -7.41 -15.14 -27.36
CA GLY A 283 -7.45 -13.84 -26.71
C GLY A 283 -6.28 -13.65 -25.78
N ASN A 284 -6.50 -13.88 -24.49
CA ASN A 284 -5.44 -13.79 -23.50
C ASN A 284 -4.15 -14.38 -24.03
N LYS A 285 -3.07 -13.58 -24.01
CA LYS A 285 -1.84 -14.00 -24.66
C LYS A 285 -1.16 -15.14 -23.92
N LYS A 286 -1.35 -15.26 -22.61
CA LYS A 286 -0.78 -16.39 -21.89
C LYS A 286 -1.27 -17.70 -22.49
N LEU A 287 -2.57 -17.80 -22.74
CA LEU A 287 -3.13 -19.02 -23.29
C LEU A 287 -2.63 -19.28 -24.71
N ARG A 288 -2.55 -18.24 -25.54
CA ARG A 288 -2.07 -18.43 -26.91
C ARG A 288 -0.62 -18.88 -26.92
N GLN A 289 0.22 -18.26 -26.10
CA GLN A 289 1.62 -18.67 -26.02
C GLN A 289 1.74 -20.09 -25.50
N ALA A 290 0.93 -20.45 -24.50
CA ALA A 290 0.95 -21.82 -24.00
C ALA A 290 0.54 -22.81 -25.08
N SER A 291 -0.47 -22.46 -25.88
CA SER A 291 -0.90 -23.35 -26.95
C SER A 291 0.19 -23.51 -28.00
N LEU A 292 0.85 -22.41 -28.37
CA LEU A 292 1.95 -22.51 -29.33
C LEU A 292 3.08 -23.36 -28.78
N SER A 293 3.41 -23.18 -27.49
CA SER A 293 4.46 -23.99 -26.89
C SER A 293 4.07 -25.46 -26.84
N VAL A 294 2.79 -25.74 -26.59
CA VAL A 294 2.32 -27.12 -26.57
C VAL A 294 2.45 -27.73 -27.96
N LEU A 295 2.10 -26.97 -29.00
CA LEU A 295 2.26 -27.48 -30.36
C LEU A 295 3.73 -27.71 -30.67
N LEU A 296 4.61 -26.82 -30.22
CA LEU A 296 6.04 -27.00 -30.42
C LEU A 296 6.53 -28.28 -29.73
N TRP A 297 6.08 -28.51 -28.49
CA TRP A 297 6.49 -29.70 -27.77
C TRP A 297 5.98 -30.96 -28.47
N LEU A 298 4.74 -30.92 -28.96
CA LEU A 298 4.20 -32.07 -29.69
C LEU A 298 4.99 -32.35 -30.95
N ARG A 299 5.34 -31.29 -31.69
CA ARG A 299 6.14 -31.47 -32.90
C ARG A 299 7.52 -32.06 -32.56
N TYR A 300 8.15 -31.56 -31.50
CA TYR A 300 9.45 -32.09 -31.10
C TYR A 300 9.36 -33.55 -30.70
N MET A 301 8.33 -33.90 -29.93
CA MET A 301 8.16 -35.29 -29.52
C MET A 301 7.90 -36.20 -30.72
N PHE A 302 7.11 -35.73 -31.68
CA PHE A 302 6.84 -36.53 -32.86
C PHE A 302 8.12 -36.83 -33.63
N LYS A 303 8.99 -35.83 -33.77
CA LYS A 303 10.26 -36.01 -34.48
C LYS A 303 11.39 -36.22 -33.49
N THR B 4 -12.30 -13.26 20.66
CA THR B 4 -13.25 -12.22 21.04
C THR B 4 -12.59 -10.84 21.01
N VAL B 5 -13.20 -9.91 20.29
CA VAL B 5 -12.68 -8.57 20.13
C VAL B 5 -13.33 -7.64 21.14
N SER B 6 -12.51 -6.87 21.85
CA SER B 6 -13.02 -5.92 22.83
C SER B 6 -13.65 -4.72 22.13
N ALA B 7 -14.41 -3.94 22.90
CA ALA B 7 -15.07 -2.76 22.34
C ALA B 7 -14.05 -1.76 21.80
N GLU B 8 -12.98 -1.53 22.54
CA GLU B 8 -11.94 -0.62 22.08
C GLU B 8 -11.31 -1.13 20.79
N ASP B 9 -11.06 -2.44 20.70
CA ASP B 9 -10.51 -3.01 19.47
C ASP B 9 -11.48 -2.84 18.31
N LYS B 10 -12.78 -3.04 18.55
CA LYS B 10 -13.76 -2.86 17.48
C LYS B 10 -13.79 -1.41 17.01
N ALA B 11 -13.74 -0.46 17.94
CA ALA B 11 -13.71 0.95 17.55
C ALA B 11 -12.43 1.28 16.79
N ALA B 12 -11.31 0.67 17.18
CA ALA B 12 -10.07 0.87 16.43
C ALA B 12 -10.20 0.32 15.02
N ALA B 13 -10.85 -0.83 14.86
CA ALA B 13 -11.08 -1.37 13.53
C ALA B 13 -11.97 -0.44 12.70
N GLU B 14 -12.99 0.15 13.33
CA GLU B 14 -13.83 1.11 12.65
C GLU B 14 -13.01 2.31 12.18
N ARG B 15 -12.14 2.81 13.05
CA ARG B 15 -11.27 3.92 12.66
C ARG B 15 -10.35 3.52 11.51
N SER B 16 -9.82 2.30 11.55
CA SER B 16 -8.97 1.82 10.48
C SER B 16 -9.71 1.80 9.15
N LYS B 17 -10.95 1.30 9.14
CA LYS B 17 -11.73 1.31 7.92
C LYS B 17 -12.07 2.73 7.46
N GLU B 18 -12.31 3.65 8.39
CA GLU B 18 -12.54 5.03 7.99
C GLU B 18 -11.31 5.63 7.32
N LEU B 19 -10.12 5.39 7.89
CA LEU B 19 -8.91 5.84 7.24
C LEU B 19 -8.72 5.18 5.88
N GLU B 20 -9.02 3.90 5.77
CA GLU B 20 -8.90 3.24 4.48
C GLU B 20 -9.81 3.87 3.44
N LYS B 21 -11.05 4.21 3.82
CA LYS B 21 -11.94 4.82 2.84
C LYS B 21 -11.48 6.23 2.47
N LYS B 22 -10.92 6.98 3.43
CA LYS B 22 -10.27 8.25 3.06
C LYS B 22 -9.21 8.01 1.99
N LEU B 23 -8.31 7.05 2.24
CA LEU B 23 -7.23 6.81 1.31
C LEU B 23 -7.76 6.43 -0.06
N GLN B 24 -8.79 5.59 -0.12
CA GLN B 24 -9.32 5.16 -1.41
C GLN B 24 -10.08 6.25 -2.14
N GLU B 25 -10.80 7.12 -1.42
CA GLU B 25 -11.45 8.24 -2.09
C GLU B 25 -10.42 9.17 -2.72
N ASP B 26 -9.39 9.54 -1.94
CA ASP B 26 -8.32 10.33 -2.53
C ASP B 26 -7.61 9.56 -3.64
N ALA B 27 -7.59 8.23 -3.53
CA ALA B 27 -6.98 7.40 -4.57
C ALA B 27 -7.70 7.59 -5.89
N GLU B 28 -9.02 7.52 -5.87
CA GLU B 28 -9.79 7.78 -7.09
C GLU B 28 -9.52 9.19 -7.61
N ARG B 29 -9.65 10.18 -6.72
CA ARG B 29 -9.52 11.57 -7.13
C ARG B 29 -8.19 11.80 -7.85
N ASP B 30 -7.12 11.24 -7.31
CA ASP B 30 -5.81 11.31 -7.98
C ASP B 30 -5.79 10.44 -9.22
N ALA B 31 -6.47 9.30 -9.17
CA ALA B 31 -6.42 8.30 -10.23
C ALA B 31 -6.84 8.91 -11.55
N ARG B 32 -7.75 9.88 -11.51
CA ARG B 32 -7.98 10.65 -12.74
C ARG B 32 -7.08 11.87 -12.82
N THR B 33 -5.77 11.65 -12.63
CA THR B 33 -4.72 12.63 -12.88
C THR B 33 -3.48 11.87 -13.32
N VAL B 34 -2.89 12.28 -14.44
CA VAL B 34 -1.74 11.59 -15.02
C VAL B 34 -0.48 12.36 -14.68
N LYS B 35 0.53 11.63 -14.21
CA LYS B 35 1.82 12.22 -13.89
C LYS B 35 2.76 12.07 -15.08
N LEU B 36 3.32 13.17 -15.53
CA LEU B 36 4.27 13.19 -16.64
C LEU B 36 5.64 13.60 -16.14
N LEU B 37 6.65 13.33 -16.96
CA LEU B 37 8.03 13.73 -16.68
C LEU B 37 8.52 14.53 -17.87
N LEU B 38 9.05 15.72 -17.61
CA LEU B 38 9.52 16.62 -18.65
C LEU B 38 11.04 16.68 -18.61
N LEU B 39 11.68 16.50 -19.76
CA LEU B 39 13.14 16.52 -19.86
C LEU B 39 13.53 17.38 -21.05
N GLY B 40 14.83 17.44 -21.32
CA GLY B 40 15.37 18.18 -22.43
C GLY B 40 16.46 19.13 -22.00
N ALA B 41 17.02 19.82 -22.98
CA ALA B 41 18.09 20.77 -22.72
C ALA B 41 17.54 22.03 -22.04
N ASP B 42 18.46 22.87 -21.57
CA ASP B 42 18.05 24.08 -20.86
C ASP B 42 17.22 24.99 -21.75
N ASN B 43 17.66 25.20 -22.99
CA ASN B 43 16.97 26.08 -23.92
C ASN B 43 16.12 25.32 -24.94
N SER B 44 15.90 24.03 -24.73
CA SER B 44 15.14 23.23 -25.68
C SER B 44 13.67 23.65 -25.75
N GLY B 45 13.18 24.37 -24.74
CA GLY B 45 11.79 24.78 -24.73
C GLY B 45 11.01 24.12 -23.62
N LYS B 46 11.70 23.73 -22.54
CA LYS B 46 11.03 23.05 -21.44
C LYS B 46 9.98 23.96 -20.80
N SER B 47 10.30 25.24 -20.62
CA SER B 47 9.43 26.11 -19.84
C SER B 47 8.06 26.29 -20.50
N THR B 48 8.04 26.48 -21.82
CA THR B 48 6.82 26.83 -22.55
C THR B 48 6.41 25.73 -23.53
N ILE B 49 6.52 24.47 -23.10
CA ILE B 49 6.17 23.37 -23.99
C ILE B 49 4.67 23.32 -24.24
N VAL B 50 3.86 23.65 -23.23
CA VAL B 50 2.41 23.56 -23.35
C VAL B 50 1.82 24.94 -23.59
N LYS B 51 2.47 25.96 -23.02
CA LYS B 51 2.19 27.39 -23.25
C LYS B 51 0.96 27.87 -22.50
N GLN B 52 0.19 27.01 -21.84
CA GLN B 52 -0.98 27.42 -21.06
C GLN B 52 -0.98 26.72 -19.71
N MET B 53 0.19 26.68 -19.07
CA MET B 53 0.36 25.97 -17.82
C MET B 53 0.22 26.93 -16.64
N LYS B 54 0.43 26.39 -15.44
CA LYS B 54 0.42 27.18 -14.21
C LYS B 54 1.34 26.48 -13.22
N ILE B 55 2.57 26.96 -13.10
CA ILE B 55 3.55 26.31 -12.24
C ILE B 55 3.03 26.26 -10.81
N ILE B 56 3.10 25.09 -10.20
CA ILE B 56 2.62 24.89 -8.84
C ILE B 56 3.79 24.61 -7.91
N THR B 66 11.75 20.59 -3.54
CA THR B 66 12.34 21.93 -3.45
C THR B 66 13.28 22.18 -4.63
N THR B 67 14.48 21.61 -4.55
CA THR B 67 15.45 21.77 -5.63
C THR B 67 14.95 21.05 -6.87
N GLY B 68 14.92 21.77 -7.99
CA GLY B 68 14.36 21.20 -9.19
C GLY B 68 12.89 20.86 -8.99
N ILE B 69 12.43 19.83 -9.70
CA ILE B 69 11.07 19.34 -9.58
C ILE B 69 10.10 20.52 -9.70
N ILE B 70 10.14 21.20 -10.84
CA ILE B 70 9.26 22.36 -11.06
C ILE B 70 7.95 21.81 -11.60
N GLU B 71 7.09 21.39 -10.68
CA GLU B 71 5.80 20.84 -11.08
C GLU B 71 4.96 21.90 -11.79
N THR B 72 4.25 21.46 -12.82
CA THR B 72 3.37 22.35 -13.58
C THR B 72 2.16 21.56 -14.04
N GLN B 73 0.97 22.09 -13.78
CA GLN B 73 -0.28 21.36 -13.99
C GLN B 73 -1.08 21.98 -15.12
N PHE B 74 -1.74 21.12 -15.87
CA PHE B 74 -2.73 21.57 -16.86
C PHE B 74 -3.70 20.44 -17.10
N SER B 75 -4.62 20.63 -18.05
CA SER B 75 -5.68 19.67 -18.28
C SER B 75 -6.12 19.72 -19.74
N PHE B 76 -6.72 18.62 -20.20
CA PHE B 76 -7.31 18.60 -21.54
C PHE B 76 -8.55 17.69 -21.51
N LYS B 77 -9.69 18.30 -21.19
CA LYS B 77 -11.03 17.78 -21.41
C LYS B 77 -11.43 16.60 -20.53
N ASP B 78 -10.47 15.87 -19.96
CA ASP B 78 -10.85 14.87 -18.96
C ASP B 78 -9.75 14.56 -17.95
N LEU B 79 -8.58 15.19 -18.02
CA LEU B 79 -7.43 14.75 -17.24
C LEU B 79 -6.72 15.96 -16.66
N HIS B 80 -5.98 15.72 -15.58
CA HIS B 80 -5.13 16.74 -14.96
C HIS B 80 -3.69 16.24 -15.04
N PHE B 81 -3.00 16.65 -16.10
CA PHE B 81 -1.59 16.33 -16.23
C PHE B 81 -0.77 17.18 -15.26
N ARG B 82 0.24 16.56 -14.66
CA ARG B 82 1.16 17.22 -13.73
C ARG B 82 2.59 16.89 -14.18
N MET B 83 3.15 17.75 -15.01
CA MET B 83 4.51 17.55 -15.51
C MET B 83 5.51 17.92 -14.44
N PHE B 84 6.41 17.00 -14.12
CA PHE B 84 7.43 17.22 -13.09
C PHE B 84 8.76 17.50 -13.78
N ASP B 85 8.98 18.77 -14.11
CA ASP B 85 10.23 19.18 -14.72
C ASP B 85 11.38 18.88 -13.77
N VAL B 86 12.43 18.27 -14.29
CA VAL B 86 13.60 17.87 -13.52
C VAL B 86 14.76 18.78 -13.93
N GLY B 87 15.49 19.28 -12.94
CA GLY B 87 16.58 20.21 -13.17
C GLY B 87 17.57 19.72 -14.21
N GLY B 88 18.35 20.64 -14.77
CA GLY B 88 19.29 20.27 -15.80
C GLY B 88 20.34 19.30 -15.28
N GLN B 89 20.77 18.39 -16.15
CA GLN B 89 21.78 17.38 -15.85
C GLN B 89 21.36 16.43 -14.74
N ARG B 90 20.09 16.45 -14.34
CA ARG B 90 19.58 15.58 -13.29
C ARG B 90 18.91 14.32 -13.84
N SER B 91 18.96 14.11 -15.16
CA SER B 91 18.30 12.97 -15.77
C SER B 91 18.93 11.64 -15.37
N GLU B 92 20.12 11.64 -14.77
CA GLU B 92 20.80 10.42 -14.37
C GLU B 92 21.29 10.51 -12.93
N ARG B 93 20.53 11.18 -12.06
CA ARG B 93 20.93 11.27 -10.66
C ARG B 93 20.97 9.90 -10.00
N LYS B 94 20.15 8.97 -10.46
CA LYS B 94 20.02 7.61 -9.92
C LYS B 94 19.29 7.58 -8.58
N LYS B 95 18.95 8.73 -8.02
CA LYS B 95 18.23 8.81 -6.75
C LYS B 95 16.86 9.44 -6.89
N TRP B 96 16.76 10.56 -7.62
CA TRP B 96 15.44 11.09 -7.95
C TRP B 96 14.77 10.26 -9.03
N ILE B 97 15.54 9.55 -9.84
CA ILE B 97 14.98 8.87 -11.01
C ILE B 97 13.97 7.82 -10.58
N HIS B 98 14.35 6.95 -9.63
CA HIS B 98 13.45 5.89 -9.20
C HIS B 98 12.18 6.45 -8.56
N CYS B 99 12.21 7.70 -8.09
CA CYS B 99 11.00 8.32 -7.58
C CYS B 99 9.98 8.50 -8.70
N PHE B 100 10.43 8.92 -9.88
CA PHE B 100 9.53 9.14 -11.01
C PHE B 100 9.41 7.90 -11.89
N GLU B 101 9.12 6.75 -11.28
CA GLU B 101 8.88 5.53 -12.05
C GLU B 101 7.40 5.30 -12.31
N ASP B 102 6.52 5.95 -11.53
CA ASP B 102 5.09 5.88 -11.77
C ASP B 102 4.64 6.78 -12.92
N VAL B 103 5.56 7.56 -13.49
CA VAL B 103 5.21 8.45 -14.59
C VAL B 103 4.55 7.66 -15.69
N THR B 104 3.40 8.15 -16.16
CA THR B 104 2.70 7.49 -17.25
C THR B 104 3.52 7.54 -18.54
N CYS B 105 4.14 8.68 -18.82
CA CYS B 105 4.96 8.81 -20.01
C CYS B 105 5.90 10.00 -19.83
N ILE B 106 7.03 9.94 -20.53
CA ILE B 106 8.02 11.00 -20.50
C ILE B 106 7.72 11.99 -21.63
N ILE B 107 8.08 13.25 -21.42
CA ILE B 107 7.70 14.32 -22.33
C ILE B 107 8.95 15.00 -22.88
N PHE B 108 10.01 14.23 -23.11
CA PHE B 108 11.26 14.78 -23.61
C PHE B 108 11.01 15.83 -24.68
N CYS B 109 11.76 16.93 -24.59
CA CYS B 109 11.63 18.05 -25.52
C CYS B 109 12.99 18.37 -26.10
N ALA B 110 13.12 18.24 -27.42
CA ALA B 110 14.37 18.48 -28.12
C ALA B 110 14.34 19.85 -28.78
N ASP B 111 15.37 20.15 -29.57
CA ASP B 111 15.49 21.43 -30.27
C ASP B 111 16.09 21.16 -31.64
N LEU B 112 15.30 21.31 -32.69
CA LEU B 112 15.79 21.04 -34.04
C LEU B 112 16.90 21.99 -34.43
N SER B 113 16.74 23.28 -34.15
CA SER B 113 17.72 24.29 -34.55
C SER B 113 18.80 24.46 -33.49
N ASP B 114 19.40 23.35 -33.07
CA ASP B 114 20.47 23.36 -32.08
C ASP B 114 21.55 22.37 -32.50
N TYR B 115 21.99 22.46 -33.75
CA TYR B 115 22.94 21.46 -34.27
C TYR B 115 24.13 21.30 -33.35
N ASN B 116 24.75 22.41 -32.95
CA ASN B 116 25.96 22.33 -32.13
C ASN B 116 25.72 21.52 -30.86
N ARG B 117 24.60 21.77 -30.18
CA ARG B 117 24.25 21.03 -28.97
C ARG B 117 23.41 19.80 -29.26
N MET B 118 23.04 19.56 -30.52
CA MET B 118 22.13 18.46 -30.83
C MET B 118 22.62 17.16 -30.23
N HIS B 119 23.90 16.82 -30.44
CA HIS B 119 24.43 15.56 -29.92
C HIS B 119 24.09 15.41 -28.44
N GLU B 120 24.34 16.46 -27.65
CA GLU B 120 24.04 16.37 -26.23
C GLU B 120 22.61 15.91 -26.00
N SER B 121 21.65 16.60 -26.64
CA SER B 121 20.25 16.18 -26.50
C SER B 121 20.11 14.70 -26.83
N LEU B 122 20.64 14.29 -27.99
CA LEU B 122 20.57 12.88 -28.35
C LEU B 122 21.10 12.01 -27.22
N HIS B 123 22.29 12.33 -26.72
CA HIS B 123 22.84 11.54 -25.62
C HIS B 123 21.87 11.49 -24.46
N LEU B 124 21.32 12.65 -24.07
CA LEU B 124 20.38 12.65 -22.96
C LEU B 124 19.21 11.72 -23.24
N PHE B 125 18.68 11.77 -24.47
CA PHE B 125 17.60 10.85 -24.82
C PHE B 125 18.07 9.40 -24.66
N ASN B 126 19.26 9.08 -25.16
CA ASN B 126 19.77 7.73 -25.03
C ASN B 126 19.88 7.33 -23.57
N SER B 127 20.09 8.31 -22.68
CA SER B 127 20.18 8.00 -21.26
C SER B 127 18.81 7.65 -20.68
N ILE B 128 17.75 8.34 -21.15
CA ILE B 128 16.45 8.17 -20.54
C ILE B 128 15.64 7.10 -21.27
N CYS B 129 15.85 6.97 -22.58
CA CYS B 129 15.11 5.95 -23.33
C CYS B 129 15.54 4.55 -22.93
N ASN B 130 16.83 4.36 -22.66
CA ASN B 130 17.37 3.06 -22.28
C ASN B 130 17.59 2.94 -20.77
N HIS B 131 17.11 3.90 -19.99
CA HIS B 131 17.28 3.84 -18.55
C HIS B 131 16.57 2.61 -17.99
N LYS B 132 17.17 2.01 -16.96
CA LYS B 132 16.60 0.80 -16.39
C LYS B 132 15.20 1.02 -15.86
N TYR B 133 14.99 2.13 -15.14
CA TYR B 133 13.65 2.42 -14.63
C TYR B 133 12.73 2.92 -15.73
N PHE B 134 13.22 3.80 -16.59
CA PHE B 134 12.42 4.34 -17.70
C PHE B 134 12.60 3.52 -18.96
N SER B 135 12.41 2.19 -18.85
CA SER B 135 12.55 1.30 -19.98
C SER B 135 11.22 1.00 -20.66
N THR B 136 10.10 1.25 -20.00
CA THR B 136 8.79 1.01 -20.57
C THR B 136 7.98 2.27 -20.80
N THR B 137 8.29 3.37 -20.11
CA THR B 137 7.56 4.61 -20.32
C THR B 137 7.76 5.10 -21.75
N SER B 138 6.67 5.55 -22.36
CA SER B 138 6.67 5.95 -23.76
C SER B 138 7.11 7.41 -23.85
N ILE B 139 8.28 7.64 -24.43
CA ILE B 139 8.73 9.01 -24.62
C ILE B 139 7.73 9.73 -25.53
N VAL B 140 7.70 11.05 -25.40
CA VAL B 140 6.94 11.92 -26.31
C VAL B 140 7.92 12.98 -26.81
N LEU B 141 8.55 12.71 -27.95
CA LEU B 141 9.51 13.66 -28.49
C LEU B 141 8.81 14.94 -28.90
N PHE B 142 9.40 16.08 -28.55
CA PHE B 142 8.90 17.38 -28.94
C PHE B 142 10.05 18.11 -29.63
N LEU B 143 10.09 18.03 -30.95
CA LEU B 143 11.12 18.72 -31.74
C LEU B 143 10.70 20.17 -31.88
N ASN B 144 11.14 21.00 -30.92
CA ASN B 144 10.69 22.38 -30.84
C ASN B 144 11.49 23.27 -31.79
N LYS B 145 11.11 24.54 -31.86
CA LYS B 145 11.79 25.53 -32.69
C LYS B 145 11.82 25.09 -34.15
N LYS B 146 10.71 24.53 -34.61
CA LYS B 146 10.60 24.15 -36.02
C LYS B 146 10.71 25.36 -36.94
N ASP B 147 10.20 26.52 -36.49
CA ASP B 147 10.28 27.72 -37.30
C ASP B 147 11.73 28.08 -37.59
N ILE B 148 12.57 28.10 -36.56
CA ILE B 148 13.98 28.41 -36.76
C ILE B 148 14.65 27.33 -37.60
N PHE B 149 14.27 26.07 -37.40
CA PHE B 149 14.84 24.99 -38.21
C PHE B 149 14.50 25.19 -39.68
N GLN B 150 13.34 25.76 -39.97
CA GLN B 150 12.95 25.95 -41.37
C GLN B 150 13.99 26.77 -42.11
N GLU B 151 14.41 27.90 -41.54
CA GLU B 151 15.41 28.73 -42.19
C GLU B 151 16.81 28.15 -42.03
N LYS B 152 17.10 27.53 -40.89
CA LYS B 152 18.45 27.02 -40.66
C LYS B 152 18.80 25.89 -41.63
N VAL B 153 17.84 25.02 -41.92
CA VAL B 153 18.12 23.91 -42.83
C VAL B 153 18.54 24.42 -44.20
N THR B 154 17.91 25.48 -44.67
CA THR B 154 18.23 26.08 -45.96
C THR B 154 19.45 27.00 -45.90
N LYS B 155 20.00 27.24 -44.71
CA LYS B 155 21.16 28.12 -44.54
C LYS B 155 22.38 27.38 -44.03
N VAL B 156 22.24 26.58 -42.98
CA VAL B 156 23.35 25.86 -42.37
C VAL B 156 23.18 24.38 -42.68
N HIS B 157 24.20 23.78 -43.28
CA HIS B 157 24.15 22.36 -43.61
C HIS B 157 24.15 21.52 -42.33
N LEU B 158 23.31 20.49 -42.30
CA LEU B 158 23.24 19.62 -41.14
C LEU B 158 24.45 18.71 -41.00
N SER B 159 25.15 18.45 -42.11
CA SER B 159 26.34 17.60 -42.05
C SER B 159 27.39 18.17 -41.12
N ILE B 160 27.30 19.47 -40.80
CA ILE B 160 28.23 20.07 -39.85
C ILE B 160 28.18 19.33 -38.51
N CYS B 161 26.98 18.91 -38.09
CA CYS B 161 26.79 18.26 -36.80
C CYS B 161 26.17 16.88 -36.96
N PHE B 162 26.48 16.18 -38.05
CA PHE B 162 25.99 14.83 -38.26
C PHE B 162 26.90 14.09 -39.23
N PRO B 163 27.44 12.92 -38.86
CA PRO B 163 28.34 12.22 -39.80
C PRO B 163 27.65 11.79 -41.08
N GLU B 164 26.52 11.08 -40.96
CA GLU B 164 25.81 10.64 -42.15
C GLU B 164 25.34 11.81 -43.00
N TYR B 165 24.98 12.93 -42.35
CA TYR B 165 24.55 14.12 -43.07
C TYR B 165 23.19 13.89 -43.72
N THR B 166 22.67 14.93 -44.38
CA THR B 166 21.39 14.86 -45.07
C THR B 166 21.62 14.88 -46.58
N GLY B 167 20.98 13.96 -47.29
CA GLY B 167 21.14 13.87 -48.72
C GLY B 167 20.71 15.12 -49.44
N PRO B 168 19.43 15.46 -49.37
CA PRO B 168 18.92 16.64 -50.07
C PRO B 168 19.16 17.94 -49.31
N ASN B 169 19.30 17.84 -47.99
CA ASN B 169 19.52 19.00 -47.14
C ASN B 169 18.38 20.00 -47.28
N THR B 170 17.15 19.51 -47.09
CA THR B 170 15.94 20.31 -47.17
C THR B 170 15.25 20.32 -45.81
N PHE B 171 14.25 21.18 -45.68
CA PHE B 171 13.56 21.33 -44.40
C PHE B 171 12.82 20.06 -44.00
N GLU B 172 12.20 19.37 -44.96
CA GLU B 172 11.40 18.19 -44.66
C GLU B 172 12.27 16.95 -44.46
N ASP B 173 13.17 16.68 -45.42
CA ASP B 173 14.02 15.50 -45.31
C ASP B 173 14.96 15.61 -44.11
N ALA B 174 15.55 16.78 -43.88
CA ALA B 174 16.44 16.94 -42.74
C ALA B 174 15.68 16.79 -41.43
N GLY B 175 14.48 17.34 -41.35
CA GLY B 175 13.67 17.17 -40.16
C GLY B 175 13.35 15.70 -39.91
N ASN B 176 12.97 14.97 -40.96
CA ASN B 176 12.71 13.55 -40.80
C ASN B 176 13.96 12.82 -40.36
N TYR B 177 15.12 13.21 -40.89
CA TYR B 177 16.37 12.57 -40.51
C TYR B 177 16.65 12.77 -39.02
N ILE B 178 16.45 14.00 -38.52
CA ILE B 178 16.68 14.27 -37.11
C ILE B 178 15.69 13.50 -36.26
N LYS B 179 14.42 13.48 -36.66
CA LYS B 179 13.43 12.72 -35.92
C LYS B 179 13.82 11.26 -35.82
N ASN B 180 14.24 10.67 -36.95
CA ASN B 180 14.63 9.27 -36.94
C ASN B 180 15.87 9.04 -36.07
N GLN B 181 16.85 9.95 -36.16
CA GLN B 181 18.04 9.84 -35.32
C GLN B 181 17.65 9.81 -33.85
N PHE B 182 16.66 10.63 -33.47
CA PHE B 182 16.15 10.56 -32.10
C PHE B 182 15.45 9.23 -31.85
N LEU B 183 14.72 8.72 -32.84
CA LEU B 183 13.95 7.49 -32.64
C LEU B 183 14.85 6.26 -32.66
N ASP B 184 15.95 6.29 -33.40
CA ASP B 184 16.78 5.11 -33.55
C ASP B 184 17.30 4.60 -32.21
N LEU B 185 17.46 5.47 -31.22
CA LEU B 185 17.93 5.07 -29.90
C LEU B 185 16.79 4.52 -29.05
N ASN B 186 16.09 3.52 -29.58
CA ASN B 186 14.94 2.92 -28.94
C ASN B 186 15.04 1.40 -29.01
N LEU B 187 16.19 0.86 -28.62
CA LEU B 187 16.48 -0.56 -28.71
C LEU B 187 15.29 -1.43 -28.33
N LYS B 188 14.56 -1.05 -27.29
CA LYS B 188 13.37 -1.78 -26.86
C LYS B 188 12.17 -1.33 -27.71
N LYS B 189 12.24 -1.68 -29.00
CA LYS B 189 11.23 -1.22 -29.94
C LYS B 189 9.84 -1.74 -29.57
N GLU B 190 9.75 -3.00 -29.16
CA GLU B 190 8.46 -3.63 -28.89
C GLU B 190 7.97 -3.41 -27.46
N ASP B 191 8.75 -2.73 -26.63
CA ASP B 191 8.37 -2.49 -25.24
C ASP B 191 7.76 -1.11 -25.02
N LYS B 192 8.27 -0.09 -25.70
CA LYS B 192 7.81 1.28 -25.56
C LYS B 192 7.49 1.87 -26.93
N GLU B 193 6.91 3.06 -26.92
CA GLU B 193 6.62 3.81 -28.13
C GLU B 193 7.03 5.25 -27.93
N ILE B 194 7.47 5.88 -29.02
CA ILE B 194 7.91 7.27 -29.01
C ILE B 194 7.04 8.05 -29.98
N TYR B 195 6.50 9.17 -29.51
CA TYR B 195 5.69 10.06 -30.34
C TYR B 195 6.47 11.32 -30.64
N SER B 196 6.34 11.80 -31.87
CA SER B 196 7.05 12.98 -32.34
C SER B 196 6.08 14.05 -32.79
N HIS B 197 6.42 15.30 -32.56
CA HIS B 197 5.60 16.43 -32.99
C HIS B 197 6.51 17.64 -33.15
N MET B 198 6.55 18.20 -34.35
CA MET B 198 7.45 19.31 -34.66
C MET B 198 6.71 20.62 -34.34
N THR B 199 6.80 21.04 -33.09
CA THR B 199 6.14 22.27 -32.67
C THR B 199 6.91 23.48 -33.17
N CYS B 200 6.28 24.65 -33.06
CA CYS B 200 6.88 25.91 -33.47
C CYS B 200 6.75 26.95 -32.34
N ALA B 201 6.79 26.49 -31.09
CA ALA B 201 6.65 27.38 -29.95
C ALA B 201 5.29 28.08 -29.97
N THR B 202 5.03 28.89 -31.00
CA THR B 202 3.76 29.59 -31.13
C THR B 202 2.72 28.65 -31.74
N ASP B 203 2.46 27.56 -31.03
CA ASP B 203 1.45 26.58 -31.42
C ASP B 203 0.65 26.20 -30.19
N THR B 204 -0.67 26.40 -30.27
CA THR B 204 -1.57 25.99 -29.19
C THR B 204 -2.10 24.58 -29.42
N GLN B 205 -1.17 23.64 -29.66
CA GLN B 205 -1.53 22.28 -30.00
C GLN B 205 -0.75 21.23 -29.23
N ASN B 206 0.25 21.62 -28.44
CA ASN B 206 1.06 20.65 -27.73
C ASN B 206 0.28 19.91 -26.66
N ALA B 207 -0.66 20.60 -26.00
CA ALA B 207 -1.49 19.94 -25.00
C ALA B 207 -2.31 18.83 -25.64
N LYS B 208 -2.85 19.07 -26.83
CA LYS B 208 -3.60 18.03 -27.53
C LYS B 208 -2.72 16.83 -27.83
N PHE B 209 -1.49 17.06 -28.26
CA PHE B 209 -0.58 15.95 -28.55
C PHE B 209 -0.27 15.15 -27.29
N ILE B 210 0.00 15.83 -26.17
CA ILE B 210 0.28 15.13 -24.94
C ILE B 210 -0.94 14.32 -24.50
N PHE B 211 -2.13 14.90 -24.62
CA PHE B 211 -3.34 14.19 -24.23
C PHE B 211 -3.56 12.96 -25.11
N ASP B 212 -3.35 13.08 -26.42
CA ASP B 212 -3.51 11.94 -27.29
C ASP B 212 -2.52 10.84 -26.95
N ALA B 213 -1.25 11.20 -26.73
CA ALA B 213 -0.24 10.20 -26.37
C ALA B 213 -0.59 9.52 -25.06
N VAL B 214 -1.04 10.29 -24.06
CA VAL B 214 -1.35 9.72 -22.77
C VAL B 214 -2.55 8.78 -22.87
N THR B 215 -3.57 9.17 -23.65
CA THR B 215 -4.72 8.29 -23.84
C THR B 215 -4.30 6.99 -24.53
N ASP B 216 -3.45 7.09 -25.55
CA ASP B 216 -2.98 5.88 -26.21
C ASP B 216 -2.23 4.98 -25.25
N ILE B 217 -1.36 5.56 -24.43
CA ILE B 217 -0.57 4.76 -23.49
C ILE B 217 -1.48 4.13 -22.45
N ILE B 218 -2.49 4.86 -21.98
CA ILE B 218 -3.41 4.30 -21.00
C ILE B 218 -4.20 3.14 -21.59
N ILE B 219 -4.68 3.29 -22.82
CA ILE B 219 -5.41 2.20 -23.46
C ILE B 219 -4.50 0.99 -23.64
N LYS B 220 -3.25 1.23 -24.04
CA LYS B 220 -2.31 0.12 -24.22
C LYS B 220 -2.05 -0.58 -22.90
N GLU B 221 -1.88 0.18 -21.81
CA GLU B 221 -1.68 -0.44 -20.50
C GLU B 221 -2.88 -1.25 -20.07
N ASN B 222 -4.10 -0.72 -20.31
CA ASN B 222 -5.30 -1.47 -19.95
C ASN B 222 -5.40 -2.76 -20.74
N LEU B 223 -5.09 -2.70 -22.03
CA LEU B 223 -5.11 -3.91 -22.84
C LEU B 223 -4.09 -4.92 -22.34
N LYS B 224 -2.90 -4.45 -21.97
CA LYS B 224 -1.89 -5.35 -21.42
C LYS B 224 -2.39 -6.01 -20.14
N ASP B 225 -3.00 -5.23 -19.26
CA ASP B 225 -3.52 -5.79 -18.01
C ASP B 225 -4.60 -6.83 -18.29
N CYS B 226 -5.51 -6.54 -19.22
CA CYS B 226 -6.52 -7.50 -19.61
C CYS B 226 -5.94 -8.73 -20.28
N GLY B 227 -4.68 -8.68 -20.72
CA GLY B 227 -4.03 -9.81 -21.33
C GLY B 227 -4.23 -9.94 -22.83
N LEU B 228 -5.00 -9.04 -23.43
CA LEU B 228 -5.27 -9.15 -24.87
C LEU B 228 -3.98 -9.09 -25.69
N PHE B 229 -3.04 -8.25 -25.29
CA PHE B 229 -1.72 -8.26 -25.92
C PHE B 229 -0.68 -7.62 -25.00
N GLU C 21 55.45 23.62 -4.42
CA GLU C 21 55.39 23.38 -2.98
C GLU C 21 53.99 22.91 -2.57
N LEU C 22 53.02 23.10 -3.45
CA LEU C 22 51.66 22.67 -3.15
C LEU C 22 51.58 21.16 -3.00
N ASP C 23 52.29 20.43 -3.85
CA ASP C 23 52.29 18.96 -3.76
C ASP C 23 52.92 18.48 -2.45
N GLN C 24 53.70 19.32 -1.79
CA GLN C 24 54.28 18.91 -0.51
C GLN C 24 53.20 18.65 0.54
N LEU C 25 52.07 19.36 0.45
CA LEU C 25 50.98 19.10 1.36
C LEU C 25 50.29 17.79 1.05
N ARG C 26 50.05 17.51 -0.23
CA ARG C 26 49.46 16.24 -0.62
C ARG C 26 50.37 15.07 -0.31
N GLN C 27 51.68 15.31 -0.23
CA GLN C 27 52.59 14.27 0.26
C GLN C 27 52.19 13.83 1.66
N GLU C 28 51.76 14.78 2.50
CA GLU C 28 51.29 14.43 3.84
C GLU C 28 50.04 13.57 3.76
N ALA C 29 49.12 13.89 2.86
CA ALA C 29 47.91 13.06 2.71
C ALA C 29 48.29 11.64 2.30
N GLU C 30 49.22 11.52 1.34
CA GLU C 30 49.64 10.19 0.91
C GLU C 30 50.30 9.43 2.06
N GLN C 31 51.15 10.10 2.83
CA GLN C 31 51.81 9.46 3.96
C GLN C 31 50.81 8.99 4.99
N LEU C 32 49.81 9.82 5.29
CA LEU C 32 48.80 9.44 6.27
C LEU C 32 47.96 8.27 5.78
N LYS C 33 47.61 8.27 4.48
CA LYS C 33 46.88 7.14 3.93
C LYS C 33 47.69 5.86 4.03
N ASN C 34 48.99 5.94 3.71
CA ASN C 34 49.85 4.76 3.83
C ASN C 34 49.93 4.30 5.27
N GLN C 35 50.05 5.22 6.21
CA GLN C 35 50.09 4.84 7.62
C GLN C 35 48.80 4.16 8.04
N ILE C 36 47.66 4.69 7.61
CA ILE C 36 46.38 4.11 7.97
C ILE C 36 46.25 2.70 7.40
N ARG C 37 46.62 2.51 6.14
CA ARG C 37 46.52 1.19 5.54
C ARG C 37 47.47 0.20 6.21
N ASP C 38 48.69 0.66 6.54
CA ASP C 38 49.63 -0.22 7.23
C ASP C 38 49.10 -0.62 8.60
N ALA C 39 48.53 0.33 9.34
CA ALA C 39 47.96 0.02 10.65
C ALA C 39 46.82 -0.97 10.52
N ARG C 40 45.96 -0.78 9.52
CA ARG C 40 44.85 -1.71 9.32
C ARG C 40 45.37 -3.11 9.00
N LYS C 41 46.37 -3.20 8.12
CA LYS C 41 46.90 -4.51 7.75
C LYS C 41 47.56 -5.20 8.95
N ALA C 42 48.34 -4.45 9.73
CA ALA C 42 49.05 -5.04 10.86
C ALA C 42 48.11 -5.46 11.98
N CYS C 43 46.90 -4.90 12.04
CA CYS C 43 45.95 -5.21 13.09
C CYS C 43 45.07 -6.41 12.77
N ALA C 44 45.22 -7.00 11.58
CA ALA C 44 44.41 -8.14 11.18
C ALA C 44 45.24 -9.42 11.37
N ASP C 45 45.23 -9.93 12.60
CA ASP C 45 45.94 -11.16 12.92
C ASP C 45 45.22 -12.40 12.39
N ALA C 46 43.92 -12.31 12.14
CA ALA C 46 43.14 -13.43 11.64
C ALA C 46 41.95 -12.89 10.86
N THR C 47 41.01 -13.77 10.54
CA THR C 47 39.80 -13.41 9.81
C THR C 47 38.59 -13.93 10.56
N LEU C 48 37.47 -13.20 10.45
CA LEU C 48 36.27 -13.59 11.18
C LEU C 48 35.78 -14.96 10.75
N SER C 49 35.86 -15.26 9.45
CA SER C 49 35.46 -16.58 8.97
C SER C 49 36.29 -17.67 9.61
N GLN C 50 37.61 -17.48 9.67
CA GLN C 50 38.48 -18.48 10.28
C GLN C 50 38.16 -18.65 11.76
N ILE C 51 37.95 -17.54 12.48
CA ILE C 51 37.64 -17.63 13.90
C ILE C 51 36.27 -18.28 14.12
N THR C 52 35.32 -18.00 13.24
CA THR C 52 33.96 -18.52 13.34
C THR C 52 33.77 -19.83 12.58
N ASN C 53 34.85 -20.60 12.39
CA ASN C 53 34.79 -21.85 11.65
C ASN C 53 34.44 -23.05 12.54
N ASN C 54 34.30 -22.83 13.85
CA ASN C 54 33.99 -23.90 14.80
C ASN C 54 32.76 -23.57 15.61
N ILE C 55 31.71 -23.09 14.94
CA ILE C 55 30.44 -22.79 15.58
C ILE C 55 29.32 -23.45 14.78
N ASP C 56 28.21 -23.71 15.46
CA ASP C 56 27.07 -24.37 14.83
C ASP C 56 26.36 -23.39 13.90
N PRO C 57 26.23 -23.72 12.61
CA PRO C 57 25.46 -22.83 11.72
C PRO C 57 24.02 -22.70 12.17
N VAL C 58 23.44 -21.52 11.92
CA VAL C 58 22.05 -21.28 12.30
C VAL C 58 21.12 -22.28 11.62
N GLY C 59 21.48 -22.72 10.42
CA GLY C 59 20.67 -23.68 9.70
C GLY C 59 19.78 -23.03 8.66
N ARG C 60 18.48 -23.28 8.74
CA ARG C 60 17.50 -22.70 7.83
C ARG C 60 16.55 -21.81 8.62
N ILE C 61 16.46 -20.55 8.24
CA ILE C 61 15.55 -19.59 8.87
C ILE C 61 14.34 -19.49 7.94
N GLN C 62 13.35 -20.34 8.20
CA GLN C 62 12.14 -20.38 7.38
C GLN C 62 11.10 -19.49 8.06
N MET C 63 11.09 -18.23 7.68
CA MET C 63 10.08 -17.30 8.16
C MET C 63 8.85 -17.36 7.26
N ARG C 64 7.73 -16.85 7.79
CA ARG C 64 6.46 -16.86 7.09
C ARG C 64 5.80 -15.51 7.22
N THR C 65 4.98 -15.16 6.24
CA THR C 65 4.29 -13.87 6.22
C THR C 65 3.19 -13.88 7.27
N ARG C 66 3.51 -13.43 8.48
CA ARG C 66 2.50 -13.40 9.54
C ARG C 66 1.43 -12.35 9.25
N ARG C 67 1.84 -11.15 8.83
CA ARG C 67 0.90 -10.07 8.57
C ARG C 67 1.21 -9.42 7.23
N THR C 68 0.18 -8.85 6.62
CA THR C 68 0.33 -8.15 5.35
C THR C 68 -0.45 -6.86 5.41
N LEU C 69 0.23 -5.76 5.73
CA LEU C 69 -0.37 -4.43 5.81
C LEU C 69 -0.50 -3.89 4.40
N ARG C 70 -1.74 -3.67 3.97
CA ARG C 70 -2.06 -3.21 2.61
C ARG C 70 -2.88 -1.93 2.73
N GLY C 71 -2.19 -0.80 2.88
CA GLY C 71 -2.87 0.48 2.89
C GLY C 71 -2.32 1.44 1.87
N HIS C 72 -1.07 1.27 1.50
CA HIS C 72 -0.41 2.19 0.60
C HIS C 72 -0.79 1.91 -0.85
N LEU C 73 -0.77 2.96 -1.66
CA LEU C 73 -1.16 2.90 -3.06
C LEU C 73 0.02 3.15 -3.99
N ALA C 74 1.21 3.38 -3.45
CA ALA C 74 2.40 3.63 -4.25
C ALA C 74 3.56 2.91 -3.61
N LYS C 75 4.77 3.22 -4.07
CA LYS C 75 5.98 2.51 -3.65
C LYS C 75 6.39 2.98 -2.27
N ILE C 76 6.27 2.12 -1.27
CA ILE C 76 6.73 2.45 0.08
C ILE C 76 8.23 2.61 0.06
N TYR C 77 8.73 3.70 0.66
CA TYR C 77 10.15 4.01 0.61
C TYR C 77 10.86 3.92 1.94
N ALA C 78 10.15 3.91 3.06
CA ALA C 78 10.81 3.85 4.35
C ALA C 78 9.85 3.33 5.40
N MET C 79 10.41 2.85 6.50
CA MET C 79 9.63 2.43 7.64
C MET C 79 10.52 2.48 8.88
N HIS C 80 9.89 2.47 10.05
CA HIS C 80 10.61 2.48 11.31
C HIS C 80 9.74 1.88 12.39
N TRP C 81 10.19 0.77 12.97
CA TRP C 81 9.47 0.15 14.06
C TRP C 81 9.41 1.07 15.27
N GLY C 82 8.27 1.05 15.96
CA GLY C 82 8.16 1.79 17.20
C GLY C 82 8.90 1.12 18.34
N THR C 83 9.14 1.89 19.40
CA THR C 83 9.85 1.34 20.55
C THR C 83 9.06 0.22 21.20
N ASP C 84 7.73 0.29 21.18
CA ASP C 84 6.89 -0.76 21.73
C ASP C 84 6.93 -2.04 20.91
N SER C 85 7.52 -2.01 19.71
CA SER C 85 7.61 -3.16 18.82
C SER C 85 6.25 -3.61 18.31
N ARG C 86 5.26 -2.71 18.30
CA ARG C 86 3.92 -3.05 17.83
C ARG C 86 3.42 -2.04 16.80
N LEU C 87 3.89 -0.80 16.91
CA LEU C 87 3.48 0.28 16.01
C LEU C 87 4.63 0.62 15.08
N LEU C 88 4.33 0.78 13.79
CA LEU C 88 5.35 1.07 12.80
C LEU C 88 4.84 2.12 11.82
N VAL C 89 5.69 3.08 11.49
CA VAL C 89 5.36 4.13 10.51
C VAL C 89 5.99 3.76 9.18
N SER C 90 5.26 4.02 8.10
CA SER C 90 5.76 3.76 6.75
C SER C 90 5.35 4.91 5.85
N ALA C 91 6.29 5.42 5.06
CA ALA C 91 6.07 6.52 4.14
C ALA C 91 6.01 6.00 2.72
N SER C 92 5.06 6.53 1.95
CA SER C 92 4.86 6.08 0.58
C SER C 92 4.91 7.27 -0.38
N GLN C 93 5.18 6.97 -1.65
CA GLN C 93 5.24 7.99 -2.67
C GLN C 93 3.88 8.59 -3.00
N ASP C 94 2.79 8.00 -2.50
CA ASP C 94 1.46 8.54 -2.71
C ASP C 94 1.10 9.65 -1.74
N GLY C 95 2.11 10.27 -1.12
CA GLY C 95 1.85 11.38 -0.22
C GLY C 95 1.21 10.99 1.09
N LYS C 96 1.45 9.77 1.57
CA LYS C 96 0.87 9.30 2.82
C LYS C 96 1.96 8.70 3.70
N LEU C 97 1.96 9.13 4.97
CA LEU C 97 2.76 8.53 6.02
C LEU C 97 1.78 7.83 6.96
N ILE C 98 1.75 6.50 6.92
CA ILE C 98 0.75 5.72 7.63
C ILE C 98 1.41 5.07 8.84
N ILE C 99 0.80 5.24 10.01
CA ILE C 99 1.23 4.58 11.23
C ILE C 99 0.29 3.40 11.47
N TRP C 100 0.86 2.20 11.45
CA TRP C 100 0.15 0.94 11.56
C TRP C 100 0.34 0.32 12.94
N ASP C 101 -0.68 -0.40 13.38
CA ASP C 101 -0.57 -1.30 14.52
C ASP C 101 -0.32 -2.70 13.97
N SER C 102 0.91 -3.19 14.11
CA SER C 102 1.30 -4.44 13.45
C SER C 102 0.48 -5.62 13.95
N TYR C 103 0.19 -5.66 15.26
CA TYR C 103 -0.48 -6.82 15.82
C TYR C 103 -1.84 -7.05 15.18
N THR C 104 -2.61 -5.97 14.97
CA THR C 104 -3.96 -6.07 14.42
C THR C 104 -4.06 -5.59 12.99
N THR C 105 -3.04 -4.92 12.46
CA THR C 105 -3.01 -4.36 11.11
C THR C 105 -3.89 -3.12 10.97
N ASN C 106 -4.50 -2.64 12.04
CA ASN C 106 -5.28 -1.41 11.97
C ASN C 106 -4.36 -0.22 11.78
N LYS C 107 -4.79 0.74 10.97
CA LYS C 107 -4.03 1.96 10.73
C LYS C 107 -4.31 2.92 11.87
N VAL C 108 -3.35 3.06 12.80
CA VAL C 108 -3.56 3.97 13.91
C VAL C 108 -3.57 5.42 13.43
N HIS C 109 -2.86 5.73 12.35
CA HIS C 109 -2.86 7.09 11.81
C HIS C 109 -2.56 7.05 10.32
N ALA C 110 -3.01 8.09 9.63
CA ALA C 110 -2.74 8.27 8.19
C ALA C 110 -2.53 9.76 7.95
N ILE C 111 -1.27 10.19 8.00
CA ILE C 111 -0.92 11.59 7.84
C ILE C 111 -0.72 11.88 6.35
N PRO C 112 -1.42 12.87 5.78
CA PRO C 112 -1.14 13.24 4.38
C PRO C 112 0.01 14.23 4.29
N LEU C 113 1.06 13.88 3.56
CA LEU C 113 2.24 14.73 3.45
C LEU C 113 2.00 15.85 2.44
N ARG C 114 2.60 17.00 2.71
CA ARG C 114 2.51 18.12 1.77
C ARG C 114 3.18 17.78 0.44
N SER C 115 4.34 17.14 0.50
CA SER C 115 5.10 16.77 -0.69
C SER C 115 5.08 15.25 -0.83
N SER C 116 4.60 14.77 -1.98
CA SER C 116 4.51 13.33 -2.18
C SER C 116 5.88 12.68 -2.23
N TRP C 117 6.91 13.43 -2.61
CA TRP C 117 8.25 12.86 -2.73
C TRP C 117 8.85 12.65 -1.35
N VAL C 118 8.64 11.46 -0.78
CA VAL C 118 9.14 11.11 0.54
C VAL C 118 10.05 9.88 0.38
N MET C 119 11.25 9.97 0.93
CA MET C 119 12.24 8.90 0.84
C MET C 119 12.69 8.38 2.20
N THR C 120 12.22 8.98 3.29
CA THR C 120 12.65 8.55 4.62
C THR C 120 11.53 8.82 5.61
N CYS C 121 11.57 8.09 6.72
CA CYS C 121 10.64 8.27 7.82
C CYS C 121 11.26 7.70 9.08
N ALA C 122 10.86 8.25 10.23
CA ALA C 122 11.42 7.83 11.50
C ALA C 122 10.35 7.93 12.58
N TYR C 123 10.42 7.01 13.54
CA TYR C 123 9.52 6.98 14.68
C TYR C 123 10.32 7.34 15.93
N ALA C 124 9.86 8.35 16.66
CA ALA C 124 10.59 8.79 17.84
C ALA C 124 10.62 7.67 18.87
N PRO C 125 11.73 7.50 19.61
CA PRO C 125 11.76 6.44 20.63
C PRO C 125 10.62 6.55 21.63
N SER C 126 10.25 7.77 22.02
CA SER C 126 9.12 7.95 22.93
C SER C 126 7.79 7.69 22.23
N GLY C 127 7.76 7.77 20.91
CA GLY C 127 6.53 7.57 20.16
C GLY C 127 5.64 8.78 20.07
N ASN C 128 6.04 9.92 20.65
CA ASN C 128 5.21 11.11 20.62
C ASN C 128 5.38 11.91 19.34
N TYR C 129 6.41 11.64 18.54
CA TYR C 129 6.68 12.40 17.33
C TYR C 129 7.11 11.46 16.22
N VAL C 130 6.85 11.90 14.98
CA VAL C 130 7.25 11.17 13.79
C VAL C 130 7.92 12.16 12.84
N ALA C 131 8.76 11.62 11.95
CA ALA C 131 9.52 12.45 11.02
C ALA C 131 9.44 11.87 9.62
N CYS C 132 9.55 12.75 8.63
CA CYS C 132 9.58 12.31 7.24
C CYS C 132 10.27 13.38 6.40
N GLY C 133 11.05 12.92 5.41
CA GLY C 133 11.76 13.81 4.53
C GLY C 133 11.83 13.23 3.13
N GLY C 134 12.36 14.02 2.20
CA GLY C 134 12.48 13.58 0.83
C GLY C 134 13.04 14.62 -0.11
N LEU C 135 12.55 14.63 -1.35
CA LEU C 135 13.06 15.59 -2.34
C LEU C 135 12.76 17.03 -1.96
N ASP C 136 11.82 17.25 -1.03
CA ASP C 136 11.53 18.61 -0.58
C ASP C 136 12.71 19.24 0.16
N ASN C 137 13.70 18.45 0.57
CA ASN C 137 14.88 18.93 1.27
C ASN C 137 14.57 19.51 2.64
N ILE C 138 13.40 19.19 3.20
CA ILE C 138 13.00 19.65 4.52
C ILE C 138 12.46 18.46 5.29
N CYS C 139 12.88 18.33 6.55
CA CYS C 139 12.42 17.26 7.42
C CYS C 139 11.19 17.75 8.17
N SER C 140 10.04 17.15 7.89
CA SER C 140 8.79 17.50 8.56
C SER C 140 8.62 16.60 9.77
N ILE C 141 8.44 17.21 10.94
CA ILE C 141 8.23 16.49 12.19
C ILE C 141 6.79 16.75 12.62
N TYR C 142 6.01 15.68 12.74
CA TYR C 142 4.62 15.75 13.16
C TYR C 142 4.49 15.21 14.57
N ASN C 143 3.52 15.77 15.30
CA ASN C 143 3.25 15.39 16.69
C ASN C 143 2.04 14.46 16.71
N LEU C 144 2.25 13.21 17.15
CA LEU C 144 1.17 12.25 17.23
C LEU C 144 0.35 12.40 18.50
N LYS C 145 0.85 13.12 19.50
CA LYS C 145 0.17 13.33 20.76
C LYS C 145 -0.23 14.81 20.83
N THR C 146 -1.41 15.11 20.29
CA THR C 146 -1.92 16.48 20.26
C THR C 146 -3.28 16.53 20.93
N ARG C 147 -3.50 17.57 21.74
CA ARG C 147 -4.80 17.75 22.38
C ARG C 147 -5.90 18.02 21.37
N GLU C 148 -5.55 18.44 20.15
CA GLU C 148 -6.53 18.67 19.10
C GLU C 148 -6.99 17.37 18.45
N GLY C 149 -6.29 16.26 18.68
CA GLY C 149 -6.72 14.98 18.17
C GLY C 149 -6.33 14.70 16.73
N ASN C 150 -5.61 15.59 16.08
CA ASN C 150 -5.17 15.40 14.70
C ASN C 150 -3.66 15.56 14.63
N VAL C 151 -3.04 14.82 13.73
CA VAL C 151 -1.59 14.86 13.55
C VAL C 151 -1.26 16.02 12.63
N ARG C 152 -0.51 16.99 13.15
CA ARG C 152 -0.11 18.17 12.39
C ARG C 152 1.40 18.32 12.47
N VAL C 153 1.98 18.89 11.42
CA VAL C 153 3.43 19.11 11.37
C VAL C 153 3.82 20.04 12.50
N SER C 154 4.58 19.53 13.46
CA SER C 154 5.01 20.35 14.60
C SER C 154 6.24 21.18 14.26
N ARG C 155 7.05 20.72 13.30
CA ARG C 155 8.26 21.44 12.92
C ARG C 155 8.59 21.13 11.46
N GLU C 156 9.27 22.08 10.82
CA GLU C 156 9.75 21.93 9.45
C GLU C 156 11.22 22.31 9.43
N LEU C 157 12.09 21.34 9.72
CA LEU C 157 13.52 21.59 9.72
C LEU C 157 13.99 21.80 8.28
N ALA C 158 14.64 22.93 8.03
CA ALA C 158 15.09 23.31 6.70
C ALA C 158 16.51 23.83 6.77
N GLY C 159 17.21 23.74 5.64
CA GLY C 159 18.58 24.18 5.55
C GLY C 159 19.41 23.27 4.67
N HIS C 160 19.01 22.01 4.56
CA HIS C 160 19.68 21.09 3.66
C HIS C 160 19.46 21.51 2.21
N THR C 161 20.51 21.45 1.41
CA THR C 161 20.45 21.84 0.01
C THR C 161 20.15 20.68 -0.92
N GLY C 162 19.89 19.49 -0.38
CA GLY C 162 19.58 18.33 -1.19
C GLY C 162 18.47 17.51 -0.57
N TYR C 163 18.10 16.44 -1.26
CA TYR C 163 17.06 15.55 -0.77
C TYR C 163 17.51 14.85 0.50
N LEU C 164 16.55 14.62 1.41
CA LEU C 164 16.82 13.90 2.64
C LEU C 164 16.74 12.40 2.37
N SER C 165 17.85 11.69 2.61
CA SER C 165 17.90 10.27 2.34
C SER C 165 17.57 9.43 3.58
N CYS C 166 17.86 9.93 4.77
CA CYS C 166 17.54 9.20 5.99
C CYS C 166 17.51 10.18 7.15
N CYS C 167 16.87 9.77 8.23
CA CYS C 167 16.81 10.56 9.45
C CYS C 167 16.40 9.66 10.60
N ARG C 168 16.99 9.88 11.78
CA ARG C 168 16.72 9.07 12.95
C ARG C 168 16.59 9.98 14.17
N PHE C 169 15.77 9.53 15.12
CA PHE C 169 15.50 10.31 16.33
C PHE C 169 16.43 9.89 17.45
N LEU C 170 17.00 10.88 18.14
CA LEU C 170 17.72 10.65 19.39
C LEU C 170 16.86 10.90 20.61
N ASP C 171 15.89 11.80 20.50
CA ASP C 171 14.94 12.10 21.57
C ASP C 171 13.86 12.99 20.96
N ASP C 172 12.94 13.42 21.81
CA ASP C 172 11.85 14.28 21.35
C ASP C 172 12.33 15.67 20.93
N ASN C 173 13.59 16.02 21.22
CA ASN C 173 14.10 17.36 20.94
C ASN C 173 15.21 17.37 19.88
N GLN C 174 15.96 16.29 19.73
CA GLN C 174 17.09 16.24 18.81
C GLN C 174 16.84 15.20 17.73
N ILE C 175 17.31 15.48 16.52
CA ILE C 175 17.12 14.56 15.40
C ILE C 175 18.33 14.67 14.46
N VAL C 176 18.84 13.51 14.03
CA VAL C 176 19.95 13.46 13.08
C VAL C 176 19.37 13.16 11.71
N THR C 177 19.81 13.91 10.70
CA THR C 177 19.33 13.76 9.34
C THR C 177 20.52 13.74 8.38
N SER C 178 20.34 13.03 7.27
CA SER C 178 21.33 12.99 6.19
C SER C 178 20.66 13.40 4.89
N SER C 179 21.34 14.25 4.13
CA SER C 179 20.79 14.81 2.91
C SER C 179 21.67 14.46 1.71
N GLY C 180 21.21 14.86 0.53
CA GLY C 180 21.95 14.67 -0.70
C GLY C 180 23.02 15.70 -0.95
N ASP C 181 23.18 16.66 -0.04
CA ASP C 181 24.21 17.68 -0.15
C ASP C 181 25.57 17.21 0.34
N THR C 182 25.75 15.90 0.50
CA THR C 182 27.01 15.30 0.94
C THR C 182 27.32 15.59 2.40
N THR C 183 26.33 16.00 3.18
CA THR C 183 26.53 16.38 4.58
C THR C 183 25.34 15.92 5.41
N CYS C 184 25.59 15.76 6.71
CA CYS C 184 24.56 15.42 7.68
C CYS C 184 24.38 16.58 8.65
N ALA C 185 23.27 16.55 9.39
CA ALA C 185 22.94 17.64 10.30
C ALA C 185 22.22 17.10 11.52
N LEU C 186 22.69 17.47 12.70
CA LEU C 186 22.02 17.23 13.97
C LEU C 186 21.25 18.49 14.33
N TRP C 187 19.92 18.39 14.35
CA TRP C 187 19.03 19.51 14.59
C TRP C 187 18.41 19.41 15.97
N ASP C 188 18.23 20.56 16.60
CA ASP C 188 17.40 20.70 17.80
C ASP C 188 16.01 21.13 17.35
N ILE C 189 15.01 20.28 17.59
CA ILE C 189 13.68 20.50 17.02
C ILE C 189 13.08 21.80 17.52
N GLU C 190 13.21 22.07 18.83
CA GLU C 190 12.57 23.25 19.39
C GLU C 190 13.08 24.53 18.72
N THR C 191 14.40 24.65 18.55
CA THR C 191 14.97 25.82 17.90
C THR C 191 14.78 25.77 16.40
N GLY C 192 14.77 24.58 15.80
CA GLY C 192 14.61 24.46 14.36
C GLY C 192 15.85 24.82 13.58
N GLN C 193 17.03 24.82 14.23
CA GLN C 193 18.28 25.16 13.56
C GLN C 193 19.27 24.02 13.79
N GLN C 194 20.14 23.83 12.79
CA GLN C 194 21.13 22.76 12.87
C GLN C 194 22.08 22.99 14.03
N THR C 195 21.98 22.17 15.08
CA THR C 195 22.93 22.28 16.18
C THR C 195 24.34 21.91 15.73
N THR C 196 24.46 20.86 14.92
CA THR C 196 25.76 20.42 14.42
C THR C 196 25.65 20.09 12.94
N THR C 197 26.73 20.36 12.21
CA THR C 197 26.81 20.07 10.78
C THR C 197 28.00 19.15 10.54
N PHE C 198 27.73 17.93 10.09
CA PHE C 198 28.76 16.95 9.80
C PHE C 198 29.09 17.00 8.32
N THR C 199 30.35 17.28 7.98
CA THR C 199 30.78 17.40 6.61
C THR C 199 32.04 16.58 6.39
N GLY C 200 32.27 16.21 5.13
CA GLY C 200 33.43 15.40 4.78
C GLY C 200 33.13 14.37 3.71
N HIS C 201 31.88 13.96 3.60
CA HIS C 201 31.49 13.00 2.58
C HIS C 201 31.65 13.60 1.19
N THR C 202 32.20 12.82 0.27
CA THR C 202 32.39 13.26 -1.11
C THR C 202 31.19 13.00 -1.99
N GLY C 203 30.27 12.12 -1.57
CA GLY C 203 29.08 11.83 -2.34
C GLY C 203 27.83 12.02 -1.49
N ASP C 204 26.68 11.90 -2.14
CA ASP C 204 25.42 12.07 -1.45
C ASP C 204 25.26 11.01 -0.37
N VAL C 205 24.78 11.43 0.79
CA VAL C 205 24.58 10.51 1.91
C VAL C 205 23.24 9.81 1.73
N MET C 206 23.26 8.48 1.77
CA MET C 206 22.08 7.67 1.50
C MET C 206 21.43 7.10 2.75
N SER C 207 22.18 6.87 3.83
CA SER C 207 21.59 6.29 5.02
C SER C 207 22.46 6.62 6.23
N LEU C 208 21.82 6.64 7.40
CA LEU C 208 22.50 6.83 8.66
C LEU C 208 21.89 5.90 9.71
N SER C 209 22.69 5.53 10.69
CA SER C 209 22.25 4.70 11.80
C SER C 209 22.78 5.27 13.11
N LEU C 210 21.94 5.24 14.13
CA LEU C 210 22.31 5.73 15.45
C LEU C 210 22.77 4.56 16.32
N ALA C 211 23.86 4.78 17.06
CA ALA C 211 24.35 3.77 17.97
C ALA C 211 23.38 3.55 19.11
N PRO C 212 23.42 2.37 19.76
CA PRO C 212 22.48 2.13 20.86
C PRO C 212 22.57 3.18 21.96
N ASP C 213 23.77 3.70 22.22
CA ASP C 213 23.95 4.77 23.20
C ASP C 213 23.60 6.14 22.66
N THR C 214 23.33 6.26 21.35
CA THR C 214 22.97 7.53 20.73
C THR C 214 24.03 8.59 20.98
N ARG C 215 25.30 8.19 20.90
CA ARG C 215 26.42 9.11 21.02
C ARG C 215 27.26 9.19 19.76
N LEU C 216 27.40 8.09 19.01
CA LEU C 216 28.08 8.07 17.73
C LEU C 216 27.13 7.49 16.70
N PHE C 217 27.12 8.05 15.49
CA PHE C 217 26.25 7.58 14.43
C PHE C 217 27.05 7.34 13.16
N VAL C 218 26.72 6.26 12.46
CA VAL C 218 27.46 5.83 11.28
C VAL C 218 26.64 6.14 10.04
N SER C 219 27.25 6.82 9.08
CA SER C 219 26.57 7.29 7.89
C SER C 219 27.27 6.77 6.65
N GLY C 220 26.49 6.29 5.69
CA GLY C 220 27.00 5.81 4.41
C GLY C 220 26.60 6.77 3.30
N ALA C 221 27.47 6.90 2.30
CA ALA C 221 27.28 7.85 1.22
C ALA C 221 27.54 7.18 -0.12
N CYS C 222 27.30 7.94 -1.20
CA CYS C 222 27.48 7.44 -2.55
C CYS C 222 28.95 7.31 -2.94
N ASP C 223 29.87 7.85 -2.13
CA ASP C 223 31.29 7.77 -2.42
C ASP C 223 31.89 6.43 -1.99
N ALA C 224 31.06 5.42 -1.73
CA ALA C 224 31.52 4.09 -1.34
C ALA C 224 32.34 4.13 -0.06
N SER C 225 31.96 5.01 0.88
CA SER C 225 32.65 5.14 2.15
C SER C 225 31.64 5.33 3.25
N ALA C 226 32.00 4.86 4.44
CA ALA C 226 31.18 5.00 5.64
C ALA C 226 31.97 5.76 6.70
N LYS C 227 31.27 6.63 7.43
CA LYS C 227 31.92 7.50 8.40
C LYS C 227 31.20 7.42 9.74
N LEU C 228 31.97 7.27 10.81
CA LEU C 228 31.45 7.15 12.17
C LEU C 228 31.58 8.51 12.85
N TRP C 229 30.56 9.35 12.69
CA TRP C 229 30.57 10.68 13.27
C TRP C 229 30.22 10.64 14.75
N ASP C 230 30.72 11.62 15.48
CA ASP C 230 30.44 11.77 16.91
C ASP C 230 29.35 12.84 17.08
N VAL C 231 28.27 12.47 17.76
CA VAL C 231 27.15 13.39 17.93
C VAL C 231 27.56 14.59 18.76
N ARG C 232 28.33 14.36 19.83
CA ARG C 232 28.69 15.43 20.76
C ARG C 232 29.90 16.24 20.32
N GLU C 233 30.53 15.89 19.20
CA GLU C 233 31.71 16.60 18.72
C GLU C 233 31.62 17.08 17.28
N GLY C 234 30.86 16.42 16.42
CA GLY C 234 30.76 16.84 15.04
C GLY C 234 31.97 16.52 14.18
N MET C 235 32.76 15.52 14.57
CA MET C 235 33.96 15.13 13.85
C MET C 235 33.87 13.68 13.42
N CYS C 236 34.46 13.38 12.27
CA CYS C 236 34.49 12.02 11.73
C CYS C 236 35.59 11.25 12.46
N ARG C 237 35.18 10.42 13.43
CA ARG C 237 36.15 9.64 14.19
C ARG C 237 36.91 8.67 13.30
N GLN C 238 36.19 7.97 12.42
CA GLN C 238 36.79 6.99 11.53
C GLN C 238 36.09 7.01 10.18
N THR C 239 36.81 6.54 9.16
CA THR C 239 36.27 6.42 7.81
C THR C 239 36.58 5.02 7.29
N PHE C 240 35.56 4.35 6.76
CA PHE C 240 35.68 3.00 6.22
C PHE C 240 35.46 3.05 4.72
N THR C 241 36.42 2.49 3.96
CA THR C 241 36.37 2.46 2.50
C THR C 241 36.63 1.03 2.05
N GLY C 242 35.57 0.23 1.98
CA GLY C 242 35.68 -1.15 1.54
C GLY C 242 34.74 -1.48 0.40
N HIS C 243 33.74 -0.64 0.20
CA HIS C 243 32.75 -0.88 -0.85
C HIS C 243 33.25 -0.39 -2.20
N GLU C 244 32.64 -0.91 -3.26
CA GLU C 244 32.98 -0.55 -4.63
C GLU C 244 32.00 0.40 -5.27
N SER C 245 30.87 0.68 -4.63
CA SER C 245 29.84 1.54 -5.20
C SER C 245 29.10 2.24 -4.07
N ASP C 246 27.96 2.83 -4.39
CA ASP C 246 27.20 3.59 -3.41
C ASP C 246 26.79 2.70 -2.24
N ILE C 247 26.85 3.26 -1.04
CA ILE C 247 26.36 2.59 0.17
C ILE C 247 24.92 3.05 0.38
N ASN C 248 23.96 2.16 0.12
CA ASN C 248 22.56 2.53 0.17
C ASN C 248 21.95 2.38 1.56
N ALA C 249 22.39 1.40 2.34
CA ALA C 249 21.83 1.15 3.66
C ALA C 249 22.95 0.91 4.65
N ILE C 250 22.65 1.15 5.92
CA ILE C 250 23.61 0.98 7.00
C ILE C 250 22.86 0.68 8.29
N CYS C 251 23.47 -0.13 9.15
CA CYS C 251 22.85 -0.49 10.41
C CYS C 251 23.94 -0.95 11.39
N PHE C 252 23.82 -0.52 12.65
CA PHE C 252 24.76 -0.91 13.67
C PHE C 252 24.54 -2.35 14.12
N PHE C 253 25.61 -2.97 14.60
CA PHE C 253 25.49 -4.22 15.33
C PHE C 253 24.81 -3.96 16.67
N PRO C 254 24.03 -4.91 17.18
CA PRO C 254 23.35 -4.67 18.47
C PRO C 254 24.31 -4.34 19.59
N ASN C 255 25.53 -4.89 19.57
CA ASN C 255 26.52 -4.55 20.58
C ASN C 255 26.89 -3.08 20.50
N GLY C 256 27.01 -2.54 19.29
CA GLY C 256 27.38 -1.15 19.08
C GLY C 256 28.81 -0.93 18.66
N ASN C 257 29.64 -1.96 18.69
CA ASN C 257 31.04 -1.85 18.29
C ASN C 257 31.27 -2.25 16.83
N ALA C 258 30.20 -2.53 16.09
CA ALA C 258 30.33 -2.92 14.69
C ALA C 258 29.06 -2.53 13.95
N PHE C 259 29.15 -2.50 12.62
CA PHE C 259 28.01 -2.15 11.78
C PHE C 259 28.13 -2.86 10.46
N ALA C 260 27.05 -2.80 9.68
CA ALA C 260 26.97 -3.44 8.37
C ALA C 260 26.48 -2.43 7.34
N THR C 261 26.99 -2.53 6.13
CA THR C 261 26.64 -1.63 5.04
C THR C 261 26.25 -2.43 3.81
N GLY C 262 25.12 -2.08 3.21
CA GLY C 262 24.71 -2.65 1.94
C GLY C 262 25.00 -1.67 0.81
N SER C 263 25.45 -2.21 -0.31
CA SER C 263 25.90 -1.40 -1.44
C SER C 263 25.29 -1.93 -2.73
N ASP C 264 25.29 -1.07 -3.75
CA ASP C 264 24.74 -1.42 -5.05
C ASP C 264 25.53 -2.52 -5.75
N ASP C 265 26.74 -2.83 -5.27
CA ASP C 265 27.58 -3.86 -5.88
C ASP C 265 27.18 -5.27 -5.48
N ALA C 266 25.98 -5.46 -4.94
CA ALA C 266 25.46 -6.77 -4.56
C ALA C 266 26.25 -7.41 -3.43
N THR C 267 26.98 -6.61 -2.65
CA THR C 267 27.81 -7.13 -1.57
C THR C 267 27.59 -6.30 -0.31
N CYS C 268 27.25 -6.97 0.79
CA CYS C 268 27.20 -6.33 2.10
C CYS C 268 28.57 -6.47 2.77
N ARG C 269 28.86 -5.54 3.68
CA ARG C 269 30.15 -5.53 4.33
C ARG C 269 29.99 -5.18 5.81
N LEU C 270 30.52 -6.04 6.67
CA LEU C 270 30.47 -5.83 8.11
C LEU C 270 31.82 -5.32 8.58
N PHE C 271 31.81 -4.11 9.17
CA PHE C 271 32.99 -3.46 9.70
C PHE C 271 32.88 -3.34 11.22
N ASP C 272 34.04 -3.16 11.87
CA ASP C 272 34.12 -2.95 13.30
C ASP C 272 34.78 -1.61 13.58
N LEU C 273 34.19 -0.86 14.51
CA LEU C 273 34.71 0.47 14.83
C LEU C 273 36.09 0.38 15.47
N ARG C 274 36.24 -0.48 16.48
CA ARG C 274 37.51 -0.57 17.19
C ARG C 274 38.63 -1.04 16.25
N ALA C 275 38.35 -2.07 15.44
CA ALA C 275 39.34 -2.55 14.50
C ALA C 275 39.51 -1.60 13.32
N ASP C 276 38.45 -0.88 12.94
CA ASP C 276 38.49 0.06 11.82
C ASP C 276 38.91 -0.66 10.53
N GLN C 277 38.29 -1.81 10.28
CA GLN C 277 38.57 -2.60 9.09
C GLN C 277 37.26 -3.20 8.58
N GLU C 278 37.35 -3.93 7.48
CA GLU C 278 36.23 -4.67 6.92
C GLU C 278 36.31 -6.09 7.47
N LEU C 279 35.58 -6.33 8.56
CA LEU C 279 35.67 -7.63 9.22
C LEU C 279 35.20 -8.76 8.30
N MET C 280 34.10 -8.55 7.59
CA MET C 280 33.56 -9.63 6.77
C MET C 280 32.82 -9.05 5.57
N THR C 281 32.63 -9.89 4.55
CA THR C 281 31.90 -9.54 3.34
C THR C 281 30.87 -10.63 3.04
N TYR C 282 29.69 -10.22 2.60
CA TYR C 282 28.60 -11.11 2.25
C TYR C 282 28.26 -10.89 0.78
N SER C 283 28.40 -11.93 -0.03
CA SER C 283 28.09 -11.82 -1.45
C SER C 283 27.92 -13.22 -2.02
N HIS C 284 27.12 -13.31 -3.08
CA HIS C 284 26.87 -14.56 -3.78
C HIS C 284 26.97 -14.34 -5.27
N ASP C 285 27.47 -15.37 -5.99
CA ASP C 285 27.58 -15.26 -7.43
C ASP C 285 26.22 -15.12 -8.10
N ASN C 286 25.18 -15.71 -7.51
CA ASN C 286 23.84 -15.65 -8.08
C ASN C 286 23.11 -14.36 -7.74
N ILE C 287 23.69 -13.49 -6.93
CA ILE C 287 23.09 -12.21 -6.56
C ILE C 287 23.88 -11.10 -7.24
N ILE C 288 23.23 -10.39 -8.15
CA ILE C 288 23.86 -9.29 -8.87
C ILE C 288 23.16 -7.96 -8.62
N CYS C 289 22.03 -7.95 -7.94
CA CYS C 289 21.27 -6.73 -7.72
C CYS C 289 21.87 -5.96 -6.55
N GLY C 290 21.34 -4.76 -6.27
CA GLY C 290 21.86 -3.90 -5.23
C GLY C 290 21.04 -4.05 -3.95
N ILE C 291 21.73 -3.89 -2.82
CA ILE C 291 21.07 -3.98 -1.52
C ILE C 291 20.33 -2.67 -1.26
N THR C 292 19.05 -2.78 -0.89
CA THR C 292 18.23 -1.63 -0.57
C THR C 292 18.12 -1.37 0.92
N SER C 293 18.11 -2.42 1.74
CA SER C 293 17.98 -2.25 3.18
C SER C 293 18.83 -3.28 3.91
N VAL C 294 19.25 -2.93 5.12
CA VAL C 294 20.03 -3.82 5.97
C VAL C 294 19.55 -3.66 7.41
N SER C 295 19.44 -4.78 8.12
CA SER C 295 19.01 -4.74 9.52
C SER C 295 19.60 -5.94 10.25
N PHE C 296 19.67 -5.82 11.57
CA PHE C 296 20.23 -6.84 12.44
C PHE C 296 19.16 -7.35 13.41
N SER C 297 19.25 -8.62 13.74
CA SER C 297 18.36 -9.21 14.74
C SER C 297 18.74 -8.71 16.12
N LYS C 298 17.99 -9.17 17.13
CA LYS C 298 18.25 -8.72 18.50
C LYS C 298 19.65 -9.13 18.95
N SER C 299 20.04 -10.37 18.69
CA SER C 299 21.35 -10.87 19.08
C SER C 299 22.44 -10.53 18.07
N GLY C 300 22.09 -10.06 16.88
CA GLY C 300 23.06 -9.72 15.87
C GLY C 300 23.59 -10.88 15.08
N ARG C 301 23.15 -12.12 15.36
CA ARG C 301 23.62 -13.28 14.61
C ARG C 301 23.04 -13.33 13.20
N LEU C 302 21.89 -12.72 12.97
CA LEU C 302 21.23 -12.73 11.68
C LEU C 302 21.24 -11.33 11.10
N LEU C 303 21.73 -11.19 9.86
CA LEU C 303 21.72 -9.93 9.13
C LEU C 303 20.72 -10.07 7.99
N LEU C 304 19.62 -9.34 8.07
CA LEU C 304 18.60 -9.38 7.04
C LEU C 304 18.86 -8.25 6.06
N ALA C 305 19.09 -8.61 4.80
CA ALA C 305 19.37 -7.64 3.74
C ALA C 305 18.26 -7.73 2.70
N GLY C 306 17.57 -6.62 2.49
CA GLY C 306 16.56 -6.52 1.46
C GLY C 306 17.15 -6.00 0.17
N TYR C 307 17.09 -6.81 -0.88
CA TYR C 307 17.73 -6.55 -2.16
C TYR C 307 16.72 -5.98 -3.16
N ASP C 308 17.20 -5.72 -4.37
CA ASP C 308 16.36 -5.31 -5.48
C ASP C 308 15.81 -6.49 -6.27
N ASP C 309 16.24 -7.71 -5.96
CA ASP C 309 15.79 -8.91 -6.65
C ASP C 309 14.41 -9.37 -6.18
N PHE C 310 13.65 -8.51 -5.50
CA PHE C 310 12.30 -8.76 -5.01
C PHE C 310 12.33 -9.61 -3.74
N ASN C 311 13.51 -9.92 -3.20
CA ASN C 311 13.64 -10.87 -2.11
C ASN C 311 14.49 -10.27 -0.99
N CYS C 312 14.44 -10.93 0.17
CA CYS C 312 15.28 -10.59 1.31
C CYS C 312 16.09 -11.82 1.69
N ASN C 313 17.36 -11.60 2.03
CA ASN C 313 18.27 -12.69 2.38
C ASN C 313 18.68 -12.55 3.84
N VAL C 314 18.60 -13.66 4.58
CA VAL C 314 18.96 -13.69 6.00
C VAL C 314 20.34 -14.33 6.06
N TRP C 315 21.38 -13.50 6.03
CA TRP C 315 22.74 -13.98 6.11
C TRP C 315 23.13 -14.24 7.57
N ASP C 316 24.07 -15.16 7.74
CA ASP C 316 24.64 -15.43 9.06
C ASP C 316 25.74 -14.41 9.33
N ALA C 317 25.59 -13.65 10.40
CA ALA C 317 26.53 -12.56 10.68
C ALA C 317 27.94 -13.07 10.86
N LEU C 318 28.11 -14.18 11.58
CA LEU C 318 29.42 -14.71 11.92
C LEU C 318 29.95 -15.73 10.92
N LYS C 319 29.19 -16.06 9.87
CA LYS C 319 29.61 -17.08 8.92
C LYS C 319 29.46 -16.66 7.46
N ALA C 320 28.75 -15.58 7.17
CA ALA C 320 28.58 -15.11 5.79
C ALA C 320 27.89 -16.15 4.91
N ASP C 321 27.04 -16.97 5.52
CA ASP C 321 26.31 -18.03 4.82
C ASP C 321 24.82 -17.71 4.85
N ARG C 322 24.19 -17.70 3.68
CA ARG C 322 22.76 -17.43 3.62
C ARG C 322 21.99 -18.51 4.38
N ALA C 323 20.99 -18.08 5.15
CA ALA C 323 20.23 -18.98 6.00
C ALA C 323 18.75 -19.06 5.64
N GLY C 324 18.27 -18.24 4.72
CA GLY C 324 16.87 -18.27 4.34
C GLY C 324 16.52 -17.09 3.48
N VAL C 325 15.35 -17.18 2.86
CA VAL C 325 14.87 -16.16 1.92
C VAL C 325 13.43 -15.82 2.28
N LEU C 326 13.17 -14.52 2.47
CA LEU C 326 11.82 -14.04 2.75
C LEU C 326 11.18 -13.53 1.46
N ALA C 327 11.02 -14.45 0.51
CA ALA C 327 10.50 -14.10 -0.81
C ALA C 327 8.99 -14.02 -0.73
N GLY C 328 8.47 -12.80 -0.65
CA GLY C 328 7.02 -12.61 -0.67
C GLY C 328 6.58 -11.35 -1.39
N HIS C 329 7.51 -10.67 -2.04
CA HIS C 329 7.26 -9.35 -2.62
C HIS C 329 7.28 -9.40 -4.14
N ASP C 330 6.37 -8.65 -4.76
CA ASP C 330 6.31 -8.54 -6.20
C ASP C 330 7.23 -7.48 -6.76
N ASN C 331 7.87 -6.67 -5.91
CA ASN C 331 8.79 -5.63 -6.33
C ASN C 331 9.91 -5.54 -5.32
N ARG C 332 10.82 -4.59 -5.52
CA ARG C 332 12.02 -4.54 -4.71
C ARG C 332 11.67 -4.21 -3.26
N VAL C 333 12.49 -4.70 -2.33
CA VAL C 333 12.31 -4.44 -0.92
C VAL C 333 13.00 -3.13 -0.55
N SER C 334 12.26 -2.02 -0.64
CA SER C 334 12.86 -0.72 -0.41
C SER C 334 13.34 -0.57 1.04
N CYS C 335 12.54 -1.01 2.00
CA CYS C 335 12.83 -0.80 3.41
C CYS C 335 12.70 -2.11 4.18
N LEU C 336 13.55 -2.26 5.19
CA LEU C 336 13.54 -3.42 6.06
C LEU C 336 13.82 -2.97 7.48
N GLY C 337 13.14 -3.58 8.44
CA GLY C 337 13.31 -3.22 9.84
C GLY C 337 13.07 -4.41 10.73
N VAL C 338 13.63 -4.34 11.94
CA VAL C 338 13.52 -5.40 12.92
C VAL C 338 13.01 -4.80 14.23
N THR C 339 12.10 -5.51 14.89
CA THR C 339 11.55 -5.03 16.15
C THR C 339 12.64 -4.94 17.21
N ASP C 340 12.44 -4.04 18.17
CA ASP C 340 13.42 -3.89 19.24
C ASP C 340 13.56 -5.18 20.03
N ASP C 341 12.45 -5.85 20.32
CA ASP C 341 12.50 -7.13 21.01
C ASP C 341 12.95 -8.27 20.10
N GLY C 342 13.06 -8.03 18.79
CA GLY C 342 13.43 -9.06 17.85
C GLY C 342 12.35 -10.06 17.55
N MET C 343 11.10 -9.78 17.93
CA MET C 343 10.03 -10.75 17.75
C MET C 343 9.75 -11.01 16.27
N ALA C 344 9.76 -9.95 15.45
CA ALA C 344 9.35 -10.09 14.06
C ALA C 344 10.11 -9.09 13.20
N VAL C 345 10.15 -9.37 11.90
CA VAL C 345 10.76 -8.50 10.91
C VAL C 345 9.65 -7.84 10.11
N ALA C 346 9.95 -6.70 9.52
CA ALA C 346 9.00 -5.98 8.68
C ALA C 346 9.69 -5.50 7.42
N THR C 347 9.17 -5.90 6.26
CA THR C 347 9.76 -5.54 4.98
C THR C 347 8.72 -4.82 4.15
N GLY C 348 9.04 -3.61 3.71
CA GLY C 348 8.18 -2.82 2.85
C GLY C 348 8.81 -2.67 1.48
N SER C 349 8.04 -3.04 0.46
CA SER C 349 8.53 -3.09 -0.90
C SER C 349 7.90 -1.99 -1.75
N TRP C 350 8.32 -1.93 -3.01
CA TRP C 350 7.76 -0.99 -3.96
C TRP C 350 6.36 -1.40 -4.41
N ASP C 351 5.93 -2.62 -4.12
CA ASP C 351 4.61 -3.09 -4.53
C ASP C 351 3.49 -2.49 -3.69
N SER C 352 3.80 -1.59 -2.77
CA SER C 352 2.80 -0.91 -1.94
C SER C 352 2.20 -1.83 -0.89
N PHE C 353 2.98 -2.80 -0.42
CA PHE C 353 2.57 -3.71 0.65
C PHE C 353 3.71 -3.78 1.66
N LEU C 354 3.36 -3.94 2.93
CA LEU C 354 4.36 -4.05 3.99
C LEU C 354 4.08 -5.31 4.78
N LYS C 355 4.98 -6.28 4.69
CA LYS C 355 4.74 -7.61 5.24
C LYS C 355 5.58 -7.83 6.49
N ILE C 356 4.92 -8.34 7.53
CA ILE C 356 5.56 -8.65 8.80
C ILE C 356 5.78 -10.16 8.86
N TRP C 357 7.04 -10.55 8.97
CA TRP C 357 7.47 -11.95 9.00
C TRP C 357 7.86 -12.33 10.42
N ASN C 358 7.79 -13.62 10.71
CA ASN C 358 8.24 -14.15 11.99
C ASN C 358 8.43 -15.66 11.91
N ALA D 7 43.13 28.61 -5.97
CA ALA D 7 43.10 27.17 -5.75
C ALA D 7 42.42 26.83 -4.43
N SER D 8 42.44 25.54 -4.07
CA SER D 8 41.82 25.05 -2.85
C SER D 8 42.83 24.25 -2.03
N ILE D 9 44.03 24.81 -1.86
CA ILE D 9 45.07 24.12 -1.10
C ILE D 9 44.64 23.96 0.36
N ALA D 10 43.95 24.97 0.89
CA ALA D 10 43.49 24.91 2.28
C ALA D 10 42.54 23.75 2.49
N GLN D 11 41.71 23.44 1.49
CA GLN D 11 40.81 22.30 1.60
C GLN D 11 41.59 21.00 1.69
N ALA D 12 42.65 20.88 0.89
CA ALA D 12 43.52 19.71 0.97
C ALA D 12 44.20 19.64 2.33
N ARG D 13 44.59 20.78 2.88
CA ARG D 13 45.18 20.80 4.22
C ARG D 13 44.19 20.34 5.27
N LYS D 14 42.93 20.75 5.15
CA LYS D 14 41.90 20.28 6.07
C LYS D 14 41.71 18.77 5.96
N LEU D 15 41.72 18.25 4.73
CA LEU D 15 41.63 16.81 4.54
C LEU D 15 42.82 16.11 5.18
N VAL D 16 44.01 16.70 5.04
CA VAL D 16 45.21 16.13 5.66
C VAL D 16 45.06 16.11 7.17
N GLU D 17 44.51 17.19 7.74
CA GLU D 17 44.29 17.23 9.19
C GLU D 17 43.32 16.15 9.63
N GLN D 18 42.24 15.95 8.86
CA GLN D 18 41.29 14.90 9.20
C GLN D 18 41.94 13.53 9.14
N LEU D 19 42.75 13.28 8.11
CA LEU D 19 43.49 12.02 8.02
C LEU D 19 44.45 11.85 9.18
N LYS D 20 45.13 12.92 9.58
CA LYS D 20 46.02 12.86 10.73
C LYS D 20 45.28 12.49 11.99
N MET D 21 44.12 13.10 12.23
CA MET D 21 43.31 12.76 13.40
C MET D 21 42.79 11.34 13.35
N GLU D 22 42.38 10.86 12.17
CA GLU D 22 41.86 9.51 12.06
C GLU D 22 42.94 8.45 12.22
N ALA D 23 44.15 8.71 11.72
CA ALA D 23 45.20 7.70 11.77
C ALA D 23 45.58 7.37 13.21
N ASN D 24 45.69 8.37 14.06
CA ASN D 24 46.10 8.18 15.46
C ASN D 24 44.86 7.85 16.29
N ILE D 25 44.46 6.58 16.21
CA ILE D 25 43.33 6.06 16.99
C ILE D 25 43.74 4.72 17.60
N ASP D 26 43.03 4.35 18.66
CA ASP D 26 43.28 3.07 19.34
C ASP D 26 42.62 1.96 18.55
N ARG D 27 43.43 1.08 17.96
CA ARG D 27 42.95 -0.03 17.16
C ARG D 27 43.23 -1.33 17.88
N ILE D 28 42.19 -2.12 18.09
CA ILE D 28 42.35 -3.46 18.67
C ILE D 28 42.62 -4.44 17.54
N LYS D 29 43.10 -5.63 17.92
CA LYS D 29 43.36 -6.67 16.93
C LYS D 29 42.04 -7.25 16.42
N VAL D 30 42.02 -7.59 15.13
CA VAL D 30 40.81 -8.12 14.52
C VAL D 30 40.34 -9.38 15.24
N SER D 31 41.27 -10.18 15.74
CA SER D 31 40.89 -11.38 16.47
C SER D 31 40.07 -11.05 17.70
N LYS D 32 40.48 -10.01 18.44
CA LYS D 32 39.73 -9.60 19.63
C LYS D 32 38.33 -9.15 19.28
N ALA D 33 38.19 -8.36 18.20
CA ALA D 33 36.87 -7.90 17.78
C ALA D 33 35.99 -9.08 17.37
N ALA D 34 36.56 -10.02 16.62
CA ALA D 34 35.79 -11.19 16.20
C ALA D 34 35.35 -12.01 17.42
N ALA D 35 36.25 -12.19 18.39
CA ALA D 35 35.88 -12.92 19.60
C ALA D 35 34.77 -12.20 20.36
N ASP D 36 34.86 -10.88 20.46
CA ASP D 36 33.81 -10.12 21.15
C ASP D 36 32.47 -10.27 20.44
N LEU D 37 32.48 -10.18 19.10
CA LEU D 37 31.24 -10.35 18.35
C LEU D 37 30.65 -11.73 18.56
N MET D 38 31.50 -12.77 18.51
CA MET D 38 31.03 -14.13 18.71
C MET D 38 30.44 -14.30 20.11
N ALA D 39 31.12 -13.74 21.12
CA ALA D 39 30.61 -13.84 22.49
C ALA D 39 29.27 -13.14 22.62
N TYR D 40 29.14 -11.95 22.01
CA TYR D 40 27.87 -11.23 22.07
C TYR D 40 26.75 -12.02 21.40
N CYS D 41 27.04 -12.61 20.24
CA CYS D 41 26.03 -13.41 19.55
C CYS D 41 25.63 -14.62 20.37
N GLU D 42 26.60 -15.31 20.98
CA GLU D 42 26.30 -16.52 21.73
C GLU D 42 25.64 -16.24 23.08
N ALA D 43 25.86 -15.06 23.66
CA ALA D 43 25.27 -14.73 24.95
C ALA D 43 23.79 -14.36 24.85
N HIS D 44 23.39 -13.67 23.78
CA HIS D 44 22.01 -13.24 23.61
C HIS D 44 21.27 -14.10 22.60
N ALA D 45 21.80 -15.28 22.27
CA ALA D 45 21.14 -16.14 21.29
C ALA D 45 19.76 -16.56 21.76
N LYS D 46 19.64 -16.92 23.05
CA LYS D 46 18.34 -17.33 23.57
C LYS D 46 17.32 -16.20 23.49
N GLU D 47 17.77 -14.95 23.57
CA GLU D 47 16.90 -13.79 23.50
C GLU D 47 16.67 -13.30 22.08
N ASP D 48 16.82 -14.17 21.09
CA ASP D 48 16.63 -13.82 19.69
C ASP D 48 15.45 -14.61 19.13
N PRO D 49 14.24 -14.04 19.10
CA PRO D 49 13.10 -14.80 18.56
C PRO D 49 13.25 -15.22 17.11
N LEU D 50 14.07 -14.52 16.33
CA LEU D 50 14.25 -14.85 14.92
C LEU D 50 15.23 -16.00 14.73
N LEU D 51 16.39 -15.92 15.39
CA LEU D 51 17.37 -17.02 15.28
C LEU D 51 16.80 -18.31 15.83
N THR D 52 16.13 -18.24 16.98
CA THR D 52 15.48 -19.39 17.59
C THR D 52 13.98 -19.10 17.73
N PRO D 53 13.13 -19.62 16.83
CA PRO D 53 11.70 -19.30 16.93
C PRO D 53 11.14 -19.70 18.29
N VAL D 54 10.33 -18.81 18.86
CA VAL D 54 9.71 -19.03 20.15
C VAL D 54 8.45 -19.87 19.97
N PRO D 55 7.91 -20.48 21.02
CA PRO D 55 6.66 -21.23 20.88
C PRO D 55 5.53 -20.32 20.43
N ALA D 56 4.59 -20.91 19.70
CA ALA D 56 3.46 -20.13 19.16
C ALA D 56 2.65 -19.47 20.27
N SER D 57 2.71 -20.01 21.49
CA SER D 57 1.97 -19.38 22.60
C SER D 57 2.49 -17.97 22.88
N GLU D 58 3.80 -17.78 22.84
CA GLU D 58 4.42 -16.50 23.10
C GLU D 58 4.61 -15.66 21.84
N ASN D 59 4.14 -16.15 20.68
CA ASN D 59 4.31 -15.43 19.43
C ASN D 59 3.13 -14.48 19.24
N PRO D 60 3.30 -13.17 19.40
CA PRO D 60 2.17 -12.24 19.19
C PRO D 60 1.64 -12.26 17.78
N PHE D 61 2.49 -12.50 16.78
CA PHE D 61 2.10 -12.49 15.37
C PHE D 61 1.59 -13.85 14.90
N ARG D 62 1.21 -14.72 15.83
CA ARG D 62 0.74 -16.05 15.46
C ARG D 62 -0.49 -15.93 14.55
N GLU D 63 -0.54 -16.80 13.55
CA GLU D 63 -1.64 -16.78 12.58
C GLU D 63 -2.97 -16.95 13.30
N LYS D 64 -3.97 -16.19 12.85
CA LYS D 64 -5.30 -16.30 13.42
C LYS D 64 -5.89 -17.68 13.14
N LYS D 65 -6.55 -18.25 14.14
CA LYS D 65 -7.17 -19.57 13.99
C LYS D 65 -8.18 -19.56 12.85
N PHE D 66 -8.11 -20.56 11.99
CA PHE D 66 -9.00 -20.66 10.84
C PHE D 66 -9.90 -21.89 10.95
N ASP E 1 -8.36 25.56 21.56
CA ASP E 1 -8.80 25.03 22.90
C ASP E 1 -9.97 24.07 22.73
N VAL E 2 -9.84 22.87 23.29
CA VAL E 2 -10.92 21.88 23.23
C VAL E 2 -12.10 22.40 24.03
N GLN E 3 -13.29 22.34 23.43
CA GLN E 3 -14.49 22.89 24.04
C GLN E 3 -15.71 22.11 23.58
N LEU E 4 -16.53 21.69 24.54
CA LEU E 4 -17.81 21.03 24.27
C LEU E 4 -18.88 21.75 25.06
N VAL E 5 -19.80 22.42 24.38
CA VAL E 5 -20.84 23.22 25.00
C VAL E 5 -22.17 22.50 24.82
N GLU E 6 -22.84 22.21 25.93
CA GLU E 6 -24.14 21.56 25.89
C GLU E 6 -25.25 22.59 25.99
N SER E 7 -26.37 22.30 25.31
CA SER E 7 -27.50 23.21 25.28
C SER E 7 -28.76 22.41 24.97
N GLY E 8 -29.91 23.05 25.19
CA GLY E 8 -31.18 22.42 24.93
C GLY E 8 -31.81 21.75 26.15
N GLY E 9 -31.25 21.92 27.33
CA GLY E 9 -31.78 21.33 28.55
C GLY E 9 -32.69 22.32 29.26
N GLY E 10 -33.76 21.80 29.85
CA GLY E 10 -34.72 22.63 30.56
C GLY E 10 -35.78 21.81 31.25
N LEU E 11 -37.00 22.36 31.31
CA LEU E 11 -38.14 21.70 31.95
C LEU E 11 -39.05 21.16 30.86
N VAL E 12 -39.35 19.86 30.92
CA VAL E 12 -40.21 19.21 29.95
C VAL E 12 -41.21 18.34 30.71
N GLN E 13 -42.44 18.29 30.21
CA GLN E 13 -43.49 17.53 30.86
C GLN E 13 -43.22 16.02 30.74
N PRO E 14 -43.86 15.20 31.58
CA PRO E 14 -43.61 13.76 31.51
C PRO E 14 -44.26 13.11 30.31
N GLY E 15 -43.57 13.15 29.17
CA GLY E 15 -44.10 12.58 27.95
C GLY E 15 -43.72 13.38 26.71
N GLY E 16 -43.16 14.57 26.92
CA GLY E 16 -42.73 15.39 25.81
C GLY E 16 -41.41 14.92 25.22
N SER E 17 -40.98 15.62 24.18
CA SER E 17 -39.74 15.32 23.48
C SER E 17 -38.82 16.54 23.48
N ARG E 18 -37.52 16.28 23.49
CA ARG E 18 -36.53 17.34 23.52
C ARG E 18 -35.33 16.91 22.69
N LYS E 19 -34.51 17.89 22.32
CA LYS E 19 -33.31 17.64 21.51
C LYS E 19 -32.13 18.37 22.15
N LEU E 20 -31.28 17.61 22.84
CA LEU E 20 -30.07 18.16 23.43
C LEU E 20 -28.99 18.27 22.37
N SER E 21 -28.31 19.41 22.33
CA SER E 21 -27.25 19.67 21.38
C SER E 21 -25.93 19.83 22.10
N CYS E 22 -24.86 19.36 21.46
CA CYS E 22 -23.50 19.52 21.97
C CYS E 22 -22.64 20.06 20.83
N SER E 23 -22.17 21.29 20.99
CA SER E 23 -21.32 21.93 20.00
C SER E 23 -19.86 21.70 20.38
N ALA E 24 -19.08 21.19 19.43
CA ALA E 24 -17.69 20.86 19.63
C ALA E 24 -16.80 21.82 18.83
N SER E 25 -15.84 22.43 19.50
CA SER E 25 -14.93 23.37 18.85
C SER E 25 -13.52 23.16 19.41
N GLY E 26 -12.53 23.26 18.52
CA GLY E 26 -11.14 23.15 18.91
C GLY E 26 -10.51 21.79 18.67
N PHE E 27 -11.19 20.88 17.99
CA PHE E 27 -10.61 19.59 17.66
C PHE E 27 -11.36 19.00 16.47
N ALA E 28 -10.75 17.99 15.85
CA ALA E 28 -11.31 17.35 14.66
C ALA E 28 -12.50 16.49 15.07
N PHE E 29 -13.65 17.13 15.25
CA PHE E 29 -14.83 16.43 15.73
C PHE E 29 -15.21 15.27 14.81
N SER E 30 -14.92 15.38 13.52
CA SER E 30 -15.30 14.32 12.59
C SER E 30 -14.63 13.00 12.93
N SER E 31 -13.45 13.04 13.54
CA SER E 31 -12.67 11.85 13.84
C SER E 31 -12.84 11.38 15.28
N PHE E 32 -13.78 11.95 16.03
CA PHE E 32 -13.98 11.62 17.43
C PHE E 32 -15.37 11.06 17.66
N GLY E 33 -15.44 9.90 18.31
CA GLY E 33 -16.70 9.39 18.80
C GLY E 33 -17.20 10.20 19.99
N MET E 34 -18.52 10.21 20.17
CA MET E 34 -19.15 11.01 21.19
C MET E 34 -20.09 10.16 22.04
N HIS E 35 -19.94 10.28 23.36
CA HIS E 35 -20.81 9.60 24.30
C HIS E 35 -21.73 10.62 24.97
N TRP E 36 -22.88 10.13 25.42
CA TRP E 36 -23.80 10.90 26.24
C TRP E 36 -23.89 10.20 27.59
N VAL E 37 -23.52 10.90 28.66
CA VAL E 37 -23.51 10.35 30.01
C VAL E 37 -24.31 11.29 30.90
N ARG E 38 -25.25 10.74 31.67
CA ARG E 38 -26.13 11.53 32.51
C ARG E 38 -25.85 11.24 33.98
N GLN E 39 -25.77 12.30 34.77
CA GLN E 39 -25.61 12.21 36.22
C GLN E 39 -26.91 12.67 36.88
N ALA E 40 -27.50 11.82 37.69
CA ALA E 40 -28.75 12.15 38.37
C ALA E 40 -28.52 13.30 39.34
N PRO E 41 -29.57 13.90 39.89
CA PRO E 41 -29.36 15.02 40.82
C PRO E 41 -28.49 14.65 42.02
N GLU E 42 -28.56 13.41 42.50
CA GLU E 42 -27.77 12.99 43.64
C GLU E 42 -27.10 11.64 43.47
N LYS E 43 -27.31 10.94 42.35
CA LYS E 43 -26.70 9.64 42.13
C LYS E 43 -25.43 9.80 41.30
N GLY E 44 -24.84 8.68 40.90
CA GLY E 44 -23.61 8.70 40.13
C GLY E 44 -23.85 8.82 38.64
N LEU E 45 -22.75 8.74 37.89
CA LEU E 45 -22.82 8.83 36.45
C LEU E 45 -23.43 7.57 35.84
N GLU E 46 -24.05 7.73 34.68
CA GLU E 46 -24.65 6.61 33.96
C GLU E 46 -24.53 6.86 32.47
N TRP E 47 -23.91 5.92 31.75
CA TRP E 47 -23.75 6.06 30.31
C TRP E 47 -25.10 5.97 29.62
N VAL E 48 -25.43 6.97 28.82
CA VAL E 48 -26.74 7.04 28.17
C VAL E 48 -26.64 6.51 26.75
N ALA E 49 -25.68 7.01 25.98
CA ALA E 49 -25.60 6.66 24.57
C ALA E 49 -24.18 6.83 24.06
N TYR E 50 -23.93 6.34 22.85
CA TYR E 50 -22.63 6.49 22.21
C TYR E 50 -22.79 6.42 20.69
N ILE E 51 -22.06 7.27 19.99
CA ILE E 51 -22.01 7.28 18.53
C ILE E 51 -20.55 7.25 18.11
N SER E 52 -20.20 6.37 17.19
CA SER E 52 -18.83 6.21 16.74
C SER E 52 -18.50 7.23 15.66
N SER E 53 -17.21 7.33 15.35
CA SER E 53 -16.77 8.21 14.26
C SER E 53 -17.32 7.70 12.94
N GLY E 54 -17.81 8.63 12.10
CA GLY E 54 -18.41 8.26 10.85
C GLY E 54 -19.81 7.70 10.96
N SER E 55 -20.41 7.73 12.14
CA SER E 55 -21.77 7.24 12.38
C SER E 55 -21.92 5.77 12.02
N GLY E 56 -20.81 5.02 11.95
CA GLY E 56 -20.90 3.61 11.61
C GLY E 56 -21.59 2.79 12.69
N THR E 57 -21.27 3.06 13.95
CA THR E 57 -21.77 2.28 15.08
C THR E 57 -22.44 3.20 16.08
N ILE E 58 -23.59 2.77 16.60
CA ILE E 58 -24.35 3.52 17.59
C ILE E 58 -24.82 2.54 18.67
N TYR E 59 -24.69 2.94 19.93
CA TYR E 59 -25.12 2.13 21.06
C TYR E 59 -25.96 2.99 22.00
N TYR E 60 -26.95 2.34 22.64
CA TYR E 60 -27.82 3.00 23.59
C TYR E 60 -27.87 2.18 24.87
N ALA E 61 -28.17 2.86 25.98
CA ALA E 61 -28.33 2.18 27.26
C ALA E 61 -29.63 1.40 27.28
N ASP E 62 -29.66 0.37 28.13
CA ASP E 62 -30.85 -0.49 28.21
C ASP E 62 -32.07 0.31 28.66
N THR E 63 -31.88 1.32 29.49
CA THR E 63 -32.98 2.11 30.02
C THR E 63 -33.46 3.21 29.07
N VAL E 64 -32.74 3.44 27.97
CA VAL E 64 -33.11 4.49 27.03
C VAL E 64 -33.15 3.94 25.62
N LYS E 65 -33.14 2.62 25.48
CA LYS E 65 -33.19 2.01 24.16
C LYS E 65 -34.58 2.14 23.58
N GLY E 66 -34.67 2.67 22.36
CA GLY E 66 -35.93 2.89 21.69
C GLY E 66 -36.54 4.26 21.92
N ARG E 67 -36.09 4.99 22.94
CA ARG E 67 -36.59 6.32 23.23
C ARG E 67 -35.57 7.42 22.89
N PHE E 68 -34.29 7.12 23.04
CA PHE E 68 -33.22 8.08 22.73
C PHE E 68 -32.61 7.76 21.38
N THR E 69 -32.35 8.81 20.60
CA THR E 69 -31.71 8.68 19.30
C THR E 69 -30.51 9.61 19.26
N ILE E 70 -29.34 9.06 18.97
CA ILE E 70 -28.09 9.82 18.94
C ILE E 70 -27.66 9.97 17.50
N SER E 71 -27.34 11.21 17.10
CA SER E 71 -26.89 11.49 15.74
C SER E 71 -25.82 12.59 15.81
N ARG E 72 -25.15 12.81 14.69
CA ARG E 72 -24.11 13.82 14.63
C ARG E 72 -24.09 14.46 13.26
N ASP E 73 -23.77 15.76 13.23
CA ASP E 73 -23.54 16.52 12.02
C ASP E 73 -22.08 16.93 12.04
N ASP E 74 -21.25 16.15 11.35
CA ASP E 74 -19.82 16.46 11.29
C ASP E 74 -19.53 17.79 10.63
N PRO E 75 -20.14 18.16 9.49
CA PRO E 75 -19.84 19.47 8.91
C PRO E 75 -20.11 20.61 9.87
N LYS E 76 -21.16 20.51 10.69
CA LYS E 76 -21.47 21.51 11.69
C LYS E 76 -20.76 21.26 13.02
N ASN E 77 -20.02 20.15 13.15
CA ASN E 77 -19.34 19.80 14.39
C ASN E 77 -20.32 19.80 15.56
N THR E 78 -21.46 19.12 15.36
CA THR E 78 -22.52 19.12 16.35
C THR E 78 -22.97 17.68 16.63
N LEU E 79 -23.42 17.45 17.86
CA LEU E 79 -23.97 16.16 18.28
C LEU E 79 -25.38 16.38 18.81
N PHE E 80 -26.30 15.51 18.42
CA PHE E 80 -27.71 15.64 18.79
C PHE E 80 -28.19 14.40 19.51
N LEU E 81 -28.92 14.60 20.60
CA LEU E 81 -29.59 13.54 21.34
C LEU E 81 -31.07 13.88 21.40
N GLN E 82 -31.88 13.15 20.64
CA GLN E 82 -33.33 13.36 20.62
C GLN E 82 -33.97 12.38 21.60
N MET E 83 -34.62 12.92 22.63
CA MET E 83 -35.28 12.12 23.65
C MET E 83 -36.79 12.25 23.48
N THR E 84 -37.48 11.11 23.43
CA THR E 84 -38.92 11.07 23.29
C THR E 84 -39.52 10.25 24.41
N SER E 85 -40.72 10.64 24.86
CA SER E 85 -41.39 9.99 25.98
C SER E 85 -40.50 10.03 27.23
N LEU E 86 -40.18 11.26 27.65
CA LEU E 86 -39.26 11.48 28.75
C LEU E 86 -39.97 11.21 30.07
N ARG E 87 -39.53 10.17 30.78
CA ARG E 87 -40.08 9.84 32.08
C ARG E 87 -39.43 10.71 33.16
N SER E 88 -39.97 10.63 34.37
CA SER E 88 -39.42 11.37 35.49
C SER E 88 -38.00 10.91 35.84
N GLU E 89 -37.65 9.68 35.48
CA GLU E 89 -36.31 9.17 35.76
C GLU E 89 -35.24 9.81 34.88
N ASP E 90 -35.62 10.55 33.85
CA ASP E 90 -34.66 11.18 32.96
C ASP E 90 -34.11 12.48 33.49
N THR E 91 -34.60 12.97 34.63
CA THR E 91 -34.08 14.21 35.20
C THR E 91 -32.63 14.04 35.59
N ALA E 92 -31.75 14.82 34.96
CA ALA E 92 -30.33 14.68 35.23
C ALA E 92 -29.55 15.74 34.46
N MET E 93 -28.25 15.81 34.75
CA MET E 93 -27.33 16.64 33.98
C MET E 93 -26.66 15.78 32.93
N TYR E 94 -26.79 16.15 31.66
CA TYR E 94 -26.27 15.38 30.55
C TYR E 94 -24.96 16.00 30.06
N TYR E 95 -23.95 15.16 29.87
CA TYR E 95 -22.65 15.56 29.37
C TYR E 95 -22.35 14.84 28.07
N CYS E 96 -21.83 15.57 27.09
CA CYS E 96 -21.31 14.98 25.86
C CYS E 96 -19.81 14.81 26.01
N VAL E 97 -19.35 13.57 25.93
CA VAL E 97 -17.98 13.20 26.24
C VAL E 97 -17.26 12.83 24.94
N ARG E 98 -16.12 13.46 24.72
CA ARG E 98 -15.26 13.11 23.59
C ARG E 98 -14.57 11.78 23.86
N SER E 99 -14.34 11.01 22.79
CA SER E 99 -13.65 9.74 22.94
C SER E 99 -13.14 9.28 21.58
N ILE E 100 -11.84 8.99 21.50
CA ILE E 100 -11.22 8.47 20.29
C ILE E 100 -10.58 7.12 20.62
N TYR E 101 -10.82 6.13 19.77
CA TYR E 101 -10.43 4.75 20.04
C TYR E 101 -9.35 4.33 19.05
N TYR E 102 -8.11 4.27 19.53
CA TYR E 102 -7.00 3.71 18.77
C TYR E 102 -5.90 3.36 19.77
N TYR E 103 -4.98 2.52 19.33
CA TYR E 103 -3.92 2.05 20.22
C TYR E 103 -3.20 3.23 20.85
N GLY E 104 -3.15 3.24 22.19
CA GLY E 104 -2.53 4.33 22.92
C GLY E 104 -3.41 5.54 23.10
N SER E 105 -4.70 5.45 22.76
CA SER E 105 -5.60 6.59 22.89
C SER E 105 -6.05 6.75 24.33
N SER E 106 -6.82 7.82 24.57
CA SER E 106 -7.35 8.14 25.90
C SER E 106 -8.85 8.39 25.77
N PRO E 107 -9.65 7.33 25.69
CA PRO E 107 -11.10 7.50 25.62
C PRO E 107 -11.63 8.24 26.83
N PHE E 108 -12.65 9.07 26.61
CA PHE E 108 -13.27 9.87 27.65
C PHE E 108 -12.30 10.87 28.27
N ASP E 109 -11.30 11.30 27.51
CA ASP E 109 -10.29 12.20 28.06
C ASP E 109 -10.90 13.55 28.43
N PHE E 110 -11.78 14.09 27.59
CA PHE E 110 -12.35 15.42 27.77
C PHE E 110 -13.86 15.33 27.89
N TRP E 111 -14.42 16.08 28.83
CA TRP E 111 -15.86 16.19 29.03
C TRP E 111 -16.30 17.63 28.82
N GLY E 112 -17.59 17.79 28.52
CA GLY E 112 -18.17 19.10 28.29
C GLY E 112 -19.10 19.48 29.43
N GLN E 113 -19.20 20.79 29.70
CA GLN E 113 -20.09 21.27 30.74
C GLN E 113 -21.51 20.80 30.47
N GLY E 114 -22.04 19.98 31.37
CA GLY E 114 -23.33 19.36 31.13
C GLY E 114 -24.47 20.36 31.19
N THR E 115 -25.60 19.94 30.60
CA THR E 115 -26.82 20.72 30.59
C THR E 115 -27.86 20.01 31.43
N THR E 116 -28.61 20.77 32.23
CA THR E 116 -29.62 20.20 33.10
C THR E 116 -30.90 19.96 32.33
N LEU E 117 -31.47 18.75 32.48
CA LEU E 117 -32.75 18.40 31.90
C LEU E 117 -33.60 17.90 33.07
N THR E 118 -34.54 18.73 33.51
CA THR E 118 -35.41 18.38 34.63
C THR E 118 -36.80 18.03 34.13
N VAL E 119 -37.34 16.91 34.62
CA VAL E 119 -38.65 16.44 34.23
C VAL E 119 -39.56 16.48 35.45
N SER E 120 -40.71 17.13 35.31
CA SER E 120 -41.64 17.26 36.42
C SER E 120 -42.17 15.89 36.84
N SER E 121 -42.46 15.75 38.12
CA SER E 121 -42.97 14.50 38.65
C SER E 121 -44.31 14.14 38.00
N SER E 136 -26.96 -8.87 32.43
CA SER E 136 -25.77 -9.12 31.63
C SER E 136 -24.87 -7.89 31.60
N ASP E 137 -24.89 -7.11 32.68
CA ASP E 137 -24.10 -5.90 32.80
C ASP E 137 -23.05 -6.09 33.90
N ILE E 138 -21.86 -5.56 33.67
CA ILE E 138 -20.75 -5.71 34.61
C ILE E 138 -20.98 -4.78 35.79
N VAL E 139 -21.46 -5.34 36.89
CA VAL E 139 -21.70 -4.54 38.09
C VAL E 139 -20.37 -4.04 38.63
N MET E 140 -20.36 -2.78 39.08
CA MET E 140 -19.17 -2.16 39.65
C MET E 140 -19.55 -1.58 41.01
N THR E 141 -19.01 -2.17 42.07
CA THR E 141 -19.35 -1.78 43.44
C THR E 141 -18.26 -0.87 43.99
N GLN E 142 -18.66 0.31 44.46
CA GLN E 142 -17.77 1.27 45.10
C GLN E 142 -18.38 1.61 46.46
N ALA E 143 -18.04 0.81 47.47
CA ALA E 143 -18.62 0.93 48.80
C ALA E 143 -17.81 1.81 49.74
N THR E 144 -17.09 2.79 49.20
CA THR E 144 -16.28 3.68 50.02
C THR E 144 -16.72 5.13 49.81
N SER E 145 -18.03 5.37 49.86
CA SER E 145 -18.55 6.70 49.55
C SER E 145 -17.93 7.77 50.44
N SER E 146 -17.80 7.49 51.73
CA SER E 146 -17.27 8.45 52.69
C SER E 146 -15.80 8.15 52.97
N VAL E 147 -14.95 9.15 52.75
CA VAL E 147 -13.50 9.01 52.98
C VAL E 147 -12.97 10.32 53.51
N PRO E 148 -13.14 10.63 54.80
CA PRO E 148 -12.57 11.87 55.35
C PRO E 148 -11.05 11.86 55.26
N VAL E 149 -10.50 12.96 54.75
CA VAL E 149 -9.06 13.11 54.58
C VAL E 149 -8.70 14.59 54.67
N THR E 150 -7.42 14.86 54.86
CA THR E 150 -6.90 16.22 54.98
C THR E 150 -5.68 16.38 54.10
N PRO E 151 -5.32 17.60 53.74
CA PRO E 151 -4.16 17.81 52.87
C PRO E 151 -2.88 17.24 53.49
N GLY E 152 -2.00 16.74 52.62
CA GLY E 152 -0.75 16.18 53.03
C GLY E 152 -0.77 14.69 53.34
N GLU E 153 -1.94 14.07 53.33
CA GLU E 153 -2.07 12.64 53.58
C GLU E 153 -2.15 11.87 52.27
N SER E 154 -2.31 10.55 52.38
CA SER E 154 -2.43 9.68 51.22
C SER E 154 -3.72 8.86 51.35
N VAL E 155 -4.38 8.64 50.22
CA VAL E 155 -5.65 7.93 50.20
C VAL E 155 -5.61 6.88 49.10
N SER E 156 -6.49 5.88 49.22
CA SER E 156 -6.58 4.79 48.26
C SER E 156 -8.05 4.42 48.08
N ILE E 157 -8.65 4.91 47.00
CA ILE E 157 -10.03 4.54 46.67
C ILE E 157 -10.03 3.17 46.00
N SER E 158 -11.04 2.37 46.30
CA SER E 158 -11.13 1.00 45.81
C SER E 158 -12.37 0.82 44.95
N CYS E 159 -12.26 -0.06 43.97
CA CYS E 159 -13.36 -0.39 43.07
C CYS E 159 -13.32 -1.88 42.76
N ARG E 160 -14.49 -2.44 42.49
CA ARG E 160 -14.65 -3.86 42.23
C ARG E 160 -15.50 -4.05 40.98
N SER E 161 -15.36 -5.22 40.35
CA SER E 161 -16.09 -5.56 39.15
C SER E 161 -16.63 -6.99 39.27
N SER E 162 -17.88 -7.19 38.85
CA SER E 162 -18.45 -8.52 38.86
C SER E 162 -17.70 -9.44 37.90
N LYS E 163 -17.35 -8.93 36.72
CA LYS E 163 -16.59 -9.66 35.72
C LYS E 163 -15.21 -9.04 35.57
N SER E 164 -14.21 -9.89 35.38
CA SER E 164 -12.85 -9.43 35.21
C SER E 164 -12.75 -8.53 33.98
N LEU E 165 -12.12 -7.37 34.13
CA LEU E 165 -11.94 -6.43 33.03
C LEU E 165 -10.64 -6.67 32.27
N LEU E 166 -9.82 -7.64 32.67
CA LEU E 166 -8.57 -7.94 31.99
C LEU E 166 -8.88 -8.76 30.75
N HIS E 167 -8.85 -8.12 29.59
CA HIS E 167 -9.11 -8.82 28.34
C HIS E 167 -7.90 -9.65 27.93
N SER E 168 -8.15 -10.62 27.04
CA SER E 168 -7.08 -11.50 26.58
C SER E 168 -5.96 -10.72 25.91
N ASN E 169 -6.25 -9.56 25.33
CA ASN E 169 -5.22 -8.76 24.68
C ASN E 169 -4.24 -8.15 25.65
N GLY E 170 -4.52 -8.20 26.96
CA GLY E 170 -3.64 -7.64 27.96
C GLY E 170 -4.04 -6.26 28.45
N ASN E 171 -5.20 -5.76 28.06
CA ASN E 171 -5.67 -4.44 28.49
C ASN E 171 -6.78 -4.61 29.51
N THR E 172 -6.65 -3.93 30.65
CA THR E 172 -7.67 -3.90 31.68
C THR E 172 -8.44 -2.59 31.55
N TYR E 173 -9.66 -2.68 31.01
CA TYR E 173 -10.44 -1.49 30.64
C TYR E 173 -11.14 -0.95 31.88
N LEU E 174 -10.39 -0.17 32.66
CA LEU E 174 -10.92 0.54 33.81
C LEU E 174 -10.49 2.00 33.74
N TYR E 175 -11.47 2.90 33.87
CA TYR E 175 -11.23 4.33 33.82
C TYR E 175 -11.59 4.95 35.16
N TRP E 176 -10.66 5.75 35.71
CA TRP E 176 -10.89 6.51 36.92
C TRP E 176 -11.05 7.98 36.54
N PHE E 177 -12.21 8.54 36.87
CA PHE E 177 -12.53 9.95 36.64
C PHE E 177 -12.71 10.65 37.98
N LEU E 178 -12.53 11.97 37.96
CA LEU E 178 -12.74 12.80 39.14
C LEU E 178 -13.66 13.95 38.78
N GLN E 179 -14.70 14.15 39.59
CA GLN E 179 -15.64 15.25 39.45
C GLN E 179 -15.47 16.15 40.67
N ARG E 180 -14.97 17.36 40.43
CA ARG E 180 -14.82 18.35 41.49
C ARG E 180 -16.13 19.09 41.72
N PRO E 181 -16.33 19.63 42.92
CA PRO E 181 -17.58 20.36 43.19
C PRO E 181 -17.77 21.50 42.20
N GLY E 182 -18.85 21.41 41.42
CA GLY E 182 -19.14 22.41 40.41
C GLY E 182 -18.39 22.25 39.11
N GLN E 183 -17.75 21.10 38.88
CA GLN E 183 -16.99 20.87 37.67
C GLN E 183 -17.37 19.52 37.07
N SER E 184 -17.25 19.42 35.75
CA SER E 184 -17.58 18.19 35.06
C SER E 184 -16.51 17.13 35.34
N PRO E 185 -16.85 15.86 35.19
CA PRO E 185 -15.85 14.80 35.43
C PRO E 185 -14.65 14.95 34.50
N GLN E 186 -13.47 14.67 35.05
CA GLN E 186 -12.22 14.74 34.30
C GLN E 186 -11.50 13.41 34.40
N LEU E 187 -11.06 12.88 33.27
CA LEU E 187 -10.36 11.61 33.26
C LEU E 187 -9.05 11.72 34.04
N LEU E 188 -8.85 10.81 34.99
CA LEU E 188 -7.61 10.73 35.74
C LEU E 188 -6.73 9.58 35.27
N ILE E 189 -7.29 8.38 35.17
CA ILE E 189 -6.56 7.20 34.75
C ILE E 189 -7.38 6.46 33.70
N TYR E 190 -6.71 5.94 32.67
CA TYR E 190 -7.36 5.14 31.65
C TYR E 190 -6.62 3.82 31.51
N ARG E 191 -7.39 2.72 31.43
CA ARG E 191 -6.87 1.36 31.34
C ARG E 191 -6.09 0.97 32.59
N MET E 192 -6.44 1.57 33.73
CA MET E 192 -6.03 1.08 35.04
C MET E 192 -4.57 1.35 35.36
N SER E 193 -3.79 1.82 34.37
CA SER E 193 -2.37 2.08 34.59
C SER E 193 -1.86 3.38 34.00
N ASN E 194 -2.53 3.95 33.00
CA ASN E 194 -2.00 5.10 32.27
C ASN E 194 -2.57 6.39 32.84
N LEU E 195 -1.68 7.34 33.14
CA LEU E 195 -2.10 8.62 33.66
C LEU E 195 -2.50 9.55 32.52
N ALA E 196 -3.69 10.13 32.61
CA ALA E 196 -4.19 10.99 31.56
C ALA E 196 -3.37 12.27 31.48
N SER E 197 -3.35 12.86 30.29
CA SER E 197 -2.58 14.09 30.08
C SER E 197 -3.07 15.21 30.98
N GLY E 198 -2.12 15.93 31.58
CA GLY E 198 -2.45 17.04 32.46
C GLY E 198 -2.74 16.66 33.89
N VAL E 199 -2.77 15.37 34.22
CA VAL E 199 -3.07 14.92 35.58
C VAL E 199 -1.77 14.91 36.38
N PRO E 200 -1.75 15.47 37.59
CA PRO E 200 -0.54 15.39 38.41
C PRO E 200 -0.13 13.96 38.68
N ASP E 201 1.19 13.74 38.76
CA ASP E 201 1.73 12.39 38.90
C ASP E 201 1.37 11.73 40.22
N ARG E 202 0.87 12.48 41.20
CA ARG E 202 0.53 11.88 42.48
C ARG E 202 -0.51 10.78 42.33
N PHE E 203 -1.43 10.93 41.38
CA PHE E 203 -2.43 9.89 41.12
C PHE E 203 -1.75 8.66 40.53
N SER E 204 -2.18 7.48 40.99
CA SER E 204 -1.64 6.23 40.47
C SER E 204 -2.72 5.17 40.49
N GLY E 205 -3.02 4.60 39.32
CA GLY E 205 -3.99 3.52 39.22
C GLY E 205 -3.28 2.18 39.18
N SER E 206 -3.81 1.23 39.96
CA SER E 206 -3.24 -0.11 40.05
C SER E 206 -4.35 -1.10 40.30
N GLY E 207 -4.00 -2.37 40.36
CA GLY E 207 -4.94 -3.44 40.64
C GLY E 207 -4.82 -4.56 39.65
N SER E 208 -5.70 -5.54 39.81
CA SER E 208 -5.70 -6.70 38.92
C SER E 208 -7.05 -7.41 39.03
N GLY E 209 -7.33 -8.25 38.05
CA GLY E 209 -8.54 -9.06 38.05
C GLY E 209 -9.79 -8.23 38.21
N THR E 210 -10.45 -8.38 39.36
CA THR E 210 -11.69 -7.67 39.66
C THR E 210 -11.55 -6.67 40.80
N ALA E 211 -10.32 -6.36 41.22
CA ALA E 211 -10.08 -5.40 42.30
C ALA E 211 -9.10 -4.35 41.81
N PHE E 212 -9.51 -3.08 41.87
CA PHE E 212 -8.72 -1.98 41.36
C PHE E 212 -8.65 -0.88 42.41
N THR E 213 -7.57 -0.10 42.36
CA THR E 213 -7.34 0.96 43.33
C THR E 213 -6.77 2.19 42.64
N LEU E 214 -7.17 3.35 43.15
CA LEU E 214 -6.61 4.64 42.76
C LEU E 214 -6.00 5.27 44.00
N THR E 215 -4.68 5.47 43.98
CA THR E 215 -3.93 5.96 45.12
C THR E 215 -3.47 7.38 44.87
N ILE E 216 -3.70 8.25 45.85
CA ILE E 216 -3.20 9.62 45.83
C ILE E 216 -2.20 9.74 46.97
N SER E 217 -0.96 10.11 46.63
CA SER E 217 0.11 10.17 47.62
C SER E 217 -0.03 11.39 48.51
N ARG E 218 0.01 12.59 47.92
CA ARG E 218 -0.11 13.84 48.64
C ARG E 218 -1.37 14.54 48.14
N LEU E 219 -2.40 14.59 49.00
CA LEU E 219 -3.68 15.18 48.62
C LEU E 219 -3.57 16.70 48.64
N GLU E 220 -3.70 17.31 47.47
CA GLU E 220 -3.67 18.76 47.35
C GLU E 220 -5.09 19.32 47.50
N ALA E 221 -5.22 20.64 47.38
CA ALA E 221 -6.53 21.28 47.48
C ALA E 221 -7.42 20.99 46.28
N GLU E 222 -6.86 20.42 45.20
CA GLU E 222 -7.63 20.11 44.01
C GLU E 222 -8.05 18.64 43.94
N ASP E 223 -7.85 17.89 45.02
CA ASP E 223 -8.20 16.47 45.07
C ASP E 223 -9.51 16.23 45.81
N VAL E 224 -10.27 17.28 46.08
CA VAL E 224 -11.54 17.18 46.79
C VAL E 224 -12.65 16.99 45.76
N GLY E 225 -13.42 15.92 45.92
CA GLY E 225 -14.48 15.64 44.96
C GLY E 225 -14.81 14.16 44.95
N VAL E 226 -15.57 13.77 43.93
CA VAL E 226 -16.10 12.41 43.81
C VAL E 226 -15.30 11.68 42.72
N TYR E 227 -14.70 10.56 43.09
CA TYR E 227 -13.97 9.72 42.15
C TYR E 227 -14.86 8.58 41.69
N TYR E 228 -14.94 8.38 40.38
CA TYR E 228 -15.78 7.36 39.76
C TYR E 228 -14.91 6.35 39.03
N CYS E 229 -15.27 5.08 39.12
CA CYS E 229 -14.63 3.99 38.39
C CYS E 229 -15.60 3.41 37.39
N MET E 230 -15.17 3.31 36.13
CA MET E 230 -16.00 2.86 35.03
C MET E 230 -15.29 1.74 34.29
N GLN E 231 -16.08 0.82 33.73
CA GLN E 231 -15.56 -0.29 32.94
C GLN E 231 -15.88 -0.06 31.47
N HIS E 232 -14.89 -0.23 30.60
CA HIS E 232 -15.06 -0.10 29.17
C HIS E 232 -14.86 -1.43 28.44
N LEU E 233 -14.91 -2.55 29.17
CA LEU E 233 -14.70 -3.85 28.53
C LEU E 233 -15.78 -4.12 27.49
N GLU E 234 -17.03 -3.84 27.82
CA GLU E 234 -18.14 -4.10 26.90
C GLU E 234 -19.31 -3.20 27.28
N TYR E 235 -20.09 -2.83 26.27
CA TYR E 235 -21.26 -1.99 26.50
C TYR E 235 -22.38 -2.82 27.14
N PRO E 236 -23.25 -2.18 27.92
CA PRO E 236 -23.27 -0.75 28.28
C PRO E 236 -22.20 -0.40 29.31
N LEU E 237 -21.71 0.83 29.30
CA LEU E 237 -20.68 1.24 30.24
C LEU E 237 -21.30 1.55 31.60
N THR E 238 -20.79 0.91 32.64
CA THR E 238 -21.31 1.04 33.99
C THR E 238 -20.31 1.78 34.86
N PHE E 239 -20.79 2.81 35.55
CA PHE E 239 -19.95 3.59 36.45
C PHE E 239 -20.10 3.06 37.89
N GLY E 240 -19.19 3.50 38.75
CA GLY E 240 -19.24 3.15 40.15
C GLY E 240 -20.15 4.06 40.95
N ALA E 241 -20.33 3.72 42.22
CA ALA E 241 -21.16 4.54 43.09
C ALA E 241 -20.56 5.93 43.27
N GLY E 242 -19.24 6.02 43.40
CA GLY E 242 -18.57 7.29 43.57
C GLY E 242 -18.06 7.52 44.98
N THR E 243 -16.73 7.54 45.13
CA THR E 243 -16.12 7.75 46.43
C THR E 243 -15.84 9.24 46.62
N LYS E 244 -16.45 9.83 47.65
CA LYS E 244 -16.38 11.27 47.89
C LYS E 244 -15.28 11.57 48.89
N LEU E 245 -14.27 12.31 48.46
CA LEU E 245 -13.20 12.79 49.31
C LEU E 245 -13.47 14.25 49.66
N GLU E 246 -13.65 14.52 50.94
CA GLU E 246 -13.95 15.86 51.45
C GLU E 246 -13.11 16.12 52.70
N LEU E 247 -12.86 17.40 52.95
CA LEU E 247 -12.06 17.81 54.10
C LEU E 247 -12.95 18.04 55.33
C1 FLF F . -32.19 -30.87 -22.64
O1 FLF F . -33.71 -31.07 -24.52
C2 FLF F . -32.07 -29.50 -22.50
C3 FLF F . -30.92 -28.97 -21.95
O2 FLF F . -34.57 -31.26 -22.53
C4 FLF F . -29.89 -29.81 -21.54
C5 FLF F . -30.02 -31.18 -21.68
C6 FLF F . -31.17 -31.71 -22.23
C7 FLF F . -33.57 -31.07 -23.27
N FLF F . -31.30 -33.15 -22.38
C1' FLF F . -32.43 -33.82 -21.78
C2' FLF F . -33.41 -34.36 -22.60
C3' FLF F . -34.50 -35.02 -22.03
C4' FLF F . -34.59 -35.13 -20.65
C5' FLF F . -33.61 -34.58 -19.85
C6' FLF F . -32.52 -33.94 -20.41
C7' FLF F . -35.59 -35.62 -22.91
F1 FLF F . -35.38 -36.96 -23.06
F2 FLF F . -36.80 -35.39 -22.34
F3 FLF F . -35.56 -35.02 -24.14
C1 FLF G . -16.37 -10.06 -25.06
O1 FLF G . -17.22 -12.07 -24.22
C2 FLF G . -17.48 -9.26 -24.84
C3 FLF G . -17.39 -7.89 -24.77
O2 FLF G . -16.02 -12.17 -26.04
C4 FLF G . -16.16 -7.28 -24.90
C5 FLF G . -15.04 -8.04 -25.11
C6 FLF G . -15.11 -9.44 -25.22
C7 FLF G . -16.55 -11.54 -25.11
N FLF G . -13.95 -10.23 -25.43
C1' FLF G . -12.85 -10.04 -26.30
C2' FLF G . -12.50 -8.78 -26.78
C3' FLF G . -11.41 -8.65 -27.63
C4' FLF G . -10.65 -9.75 -27.99
C5' FLF G . -10.99 -10.99 -27.51
C6' FLF G . -12.08 -11.14 -26.67
C7' FLF G . -11.07 -7.28 -28.12
F1 FLF G . -11.84 -6.90 -29.14
F2 FLF G . -11.20 -6.34 -27.19
F3 FLF G . -9.83 -7.17 -28.57
#